data_4N62
#
_entry.id   4N62
#
_cell.length_a   153.806
_cell.length_b   153.806
_cell.length_c   153.806
_cell.angle_alpha   90.00
_cell.angle_beta   90.00
_cell.angle_gamma   90.00
#
_symmetry.space_group_name_H-M   'P 21 3'
#
loop_
_entity.id
_entity.type
_entity.pdbx_description
1 polymer 'Hemagglutinin HA1'
2 polymer 'Hemagglutinin HA2'
3 branched beta-D-mannopyranose-(1-4)-2-acetamido-2-deoxy-beta-D-glucopyranose-(1-4)-2-acetamido-2-deoxy-beta-D-glucopyranose
4 branched 'N-acetyl-alpha-neuraminic acid-(2-3)-beta-D-galactopyranose-(1-4)-2-acetamido-2-deoxy-6-O-sulfo-beta-D-glucopyranose'
5 non-polymer 2-acetamido-2-deoxy-beta-D-glucopyranose
6 water water
#
loop_
_entity_poly.entity_id
_entity_poly.type
_entity_poly.pdbx_seq_one_letter_code
_entity_poly.pdbx_strand_id
1 'polypeptide(L)'
;DKICLGHHAVSNGTKVNTLTERGVEVVNATETVERTNIPRICSKGKRTVDLGQCGLLGTITGPPQCDQFLEFSADLIIER
REGSDVCYPGKFVNEEALRQILRESGGIDKEAMGFTYSGIRTNGATSACRRSGSSFYAEMKWLLSNTDNAAFPQMTKSYK
NTRKSPALIVWGIHHSVSTAEQTKLYGSGNKLVTVGSSNYQQSFVPSPGARPQVNGLSGRIDFHWLMLNPNDTVTFSFNG
AFIAPDRASFLRGKSMGIQSGVQVDANCEGDCYHSGGTIISNLPFQNIDSRAVGKCPRYVKQRSLLLATGMKNVPEIPKG
R
;
A,C
2 'polypeptide(L)'
;GLFGAIAGFIENGWEGLIDGWYGFRHQNAQGEGTAADYKSTQSAIDQITGKLNRLIEKTNQQFELIDNEFNEVEKQIGNV
INWTRDSITEVWSYNAELLVAMENQHTIDLADSEMDKLYERVKRQLRENAEEDGTGCFEIFHKCDDDCMASIRNNTYDHS
KYREEAMQNRIQIDPVSGRLVPR
;
B,D
#
# COMPACT_ATOMS: atom_id res chain seq x y z
N ASP A 1 49.21 8.04 23.99
CA ASP A 1 48.88 7.37 22.73
C ASP A 1 47.81 6.31 22.97
N LYS A 2 46.85 6.24 22.04
CA LYS A 2 45.64 5.47 22.29
C LYS A 2 45.06 4.91 21.00
N ILE A 3 44.60 3.66 21.04
CA ILE A 3 43.86 3.10 19.91
C ILE A 3 42.55 2.49 20.41
N CYS A 4 41.47 2.83 19.74
CA CYS A 4 40.13 2.37 20.12
C CYS A 4 39.54 1.53 19.03
N LEU A 5 38.76 0.54 19.46
CA LEU A 5 38.02 -0.32 18.55
C LEU A 5 36.56 0.08 18.62
N GLY A 6 35.91 0.22 17.47
CA GLY A 6 34.53 0.65 17.46
C GLY A 6 33.75 0.05 16.31
N HIS A 7 32.48 0.44 16.24
CA HIS A 7 31.60 -0.04 15.18
C HIS A 7 30.78 1.14 14.67
N HIS A 8 30.25 1.04 13.46
CA HIS A 8 29.51 2.19 12.93
C HIS A 8 28.14 2.28 13.60
N ALA A 9 27.49 3.42 13.39
CA ALA A 9 26.17 3.70 13.96
C ALA A 9 25.50 4.82 13.18
N VAL A 10 24.18 4.95 13.30
CA VAL A 10 23.47 6.02 12.61
C VAL A 10 22.43 6.66 13.52
N SER A 11 21.87 7.78 13.09
CA SER A 11 20.74 8.40 13.76
C SER A 11 19.47 7.93 13.04
N ASN A 12 19.69 7.32 11.89
CA ASN A 12 18.63 6.84 11.02
C ASN A 12 18.28 5.39 11.35
N GLY A 13 18.10 5.10 12.64
CA GLY A 13 17.91 3.72 13.08
C GLY A 13 16.51 3.17 12.84
N THR A 14 16.42 1.89 12.49
CA THR A 14 15.10 1.29 12.26
C THR A 14 14.84 0.16 13.26
N LYS A 15 13.60 0.11 13.77
CA LYS A 15 13.24 -0.83 14.82
C LYS A 15 12.87 -2.21 14.28
N VAL A 16 13.30 -3.24 14.99
CA VAL A 16 12.94 -4.63 14.67
C VAL A 16 12.59 -5.37 15.95
N ASN A 17 12.15 -6.62 15.81
CA ASN A 17 11.82 -7.43 16.96
C ASN A 17 12.78 -8.61 17.08
N THR A 18 13.02 -9.05 18.31
CA THR A 18 13.85 -10.22 18.58
C THR A 18 13.07 -11.16 19.49
N LEU A 19 13.73 -12.17 20.04
CA LEU A 19 13.08 -13.04 21.03
C LEU A 19 12.73 -12.26 22.29
N THR A 20 13.62 -11.35 22.68
CA THR A 20 13.48 -10.60 23.93
C THR A 20 12.86 -9.23 23.73
N GLU A 21 13.52 -8.39 22.93
CA GLU A 21 13.08 -7.00 22.78
C GLU A 21 12.05 -6.80 21.69
N ARG A 22 11.27 -5.73 21.84
CA ARG A 22 10.30 -5.33 20.83
C ARG A 22 10.56 -3.88 20.45
N GLY A 23 11.14 -3.69 19.27
CA GLY A 23 11.46 -2.36 18.79
C GLY A 23 12.91 -1.98 19.05
N VAL A 24 13.79 -2.98 19.12
CA VAL A 24 15.23 -2.71 19.26
C VAL A 24 15.77 -2.16 17.95
N GLU A 25 16.51 -1.06 18.03
CA GLU A 25 17.00 -0.41 16.82
C GLU A 25 18.22 -1.10 16.24
N VAL A 26 18.21 -1.32 14.93
CA VAL A 26 19.39 -1.83 14.25
C VAL A 26 19.80 -0.78 13.20
N VAL A 27 21.02 -0.91 12.67
CA VAL A 27 21.54 0.07 11.73
C VAL A 27 20.79 0.01 10.40
N ASN A 28 20.40 -1.20 10.01
CA ASN A 28 19.73 -1.40 8.72
C ASN A 28 18.80 -2.63 8.76
N ALA A 29 17.69 -2.54 8.03
CA ALA A 29 16.74 -3.65 7.96
C ALA A 29 16.06 -3.70 6.60
N THR A 30 15.46 -4.83 6.27
CA THR A 30 14.72 -4.96 5.03
C THR A 30 13.42 -5.72 5.30
N GLU A 31 12.43 -5.54 4.43
CA GLU A 31 11.12 -6.17 4.62
C GLU A 31 11.11 -7.61 4.11
N THR A 32 10.38 -8.48 4.80
CA THR A 32 10.24 -9.88 4.36
C THR A 32 8.83 -10.18 3.87
N VAL A 33 7.89 -9.28 4.15
CA VAL A 33 6.49 -9.47 3.78
C VAL A 33 6.09 -8.57 2.63
N GLU A 34 5.81 -9.18 1.48
CA GLU A 34 5.47 -8.42 0.28
C GLU A 34 4.07 -7.83 0.39
N ARG A 35 3.96 -6.54 0.06
CA ARG A 35 2.67 -5.86 0.04
C ARG A 35 2.46 -5.11 -1.27
N THR A 36 3.48 -5.13 -2.12
CA THR A 36 3.43 -4.39 -3.38
C THR A 36 2.79 -5.24 -4.47
N ASN A 37 1.58 -4.85 -4.86
CA ASN A 37 0.84 -5.61 -5.87
C ASN A 37 0.87 -4.93 -7.22
N ILE A 38 1.00 -5.72 -8.28
CA ILE A 38 0.85 -5.23 -9.64
C ILE A 38 -0.54 -5.59 -10.14
N PRO A 39 -1.41 -4.58 -10.30
CA PRO A 39 -2.83 -4.75 -10.65
C PRO A 39 -3.04 -5.14 -12.12
N ARG A 40 -2.24 -6.08 -12.60
CA ARG A 40 -2.37 -6.61 -13.94
C ARG A 40 -2.09 -8.12 -13.90
N ILE A 41 -2.46 -8.82 -14.95
CA ILE A 41 -2.09 -10.22 -15.08
C ILE A 41 -0.89 -10.29 -16.01
N CYS A 42 0.29 -10.38 -15.42
CA CYS A 42 1.53 -10.40 -16.20
C CYS A 42 1.67 -11.73 -16.91
N SER A 43 1.51 -11.70 -18.23
CA SER A 43 1.36 -12.92 -18.99
C SER A 43 2.49 -13.22 -19.96
N LYS A 44 3.52 -12.38 -19.97
CA LYS A 44 4.64 -12.57 -20.91
C LYS A 44 5.22 -13.98 -20.77
N GLY A 45 5.35 -14.66 -21.90
CA GLY A 45 5.89 -16.00 -21.91
C GLY A 45 4.81 -17.06 -21.77
N LYS A 46 3.62 -16.64 -21.37
CA LYS A 46 2.51 -17.57 -21.22
C LYS A 46 1.40 -17.36 -22.25
N ARG A 47 1.07 -18.42 -22.98
CA ARG A 47 -0.06 -18.39 -23.90
C ARG A 47 -1.36 -18.23 -23.09
N THR A 48 -1.99 -17.07 -23.23
CA THR A 48 -3.08 -16.66 -22.34
C THR A 48 -4.40 -16.48 -23.08
N VAL A 49 -5.48 -16.98 -22.47
CA VAL A 49 -6.82 -16.74 -23.01
C VAL A 49 -7.70 -16.06 -21.96
N ASP A 50 -8.34 -14.97 -22.37
CA ASP A 50 -9.26 -14.22 -21.51
C ASP A 50 -10.69 -14.53 -21.94
N LEU A 51 -11.29 -15.48 -21.24
CA LEU A 51 -12.61 -16.01 -21.59
C LEU A 51 -13.70 -14.94 -21.62
N GLY A 52 -13.51 -13.88 -20.84
CA GLY A 52 -14.43 -12.76 -20.86
C GLY A 52 -15.85 -13.15 -20.49
N GLN A 53 -16.73 -13.15 -21.47
CA GLN A 53 -18.12 -13.50 -21.22
C GLN A 53 -18.37 -14.99 -21.29
N CYS A 54 -17.39 -15.73 -21.81
CA CYS A 54 -17.49 -17.19 -21.84
C CYS A 54 -17.15 -17.81 -20.49
N GLY A 55 -18.09 -18.56 -19.92
CA GLY A 55 -17.79 -19.35 -18.74
C GLY A 55 -16.95 -20.54 -19.13
N LEU A 56 -16.07 -20.99 -18.24
CA LEU A 56 -15.14 -22.06 -18.57
C LEU A 56 -15.85 -23.35 -19.00
N LEU A 57 -16.95 -23.69 -18.34
CA LEU A 57 -17.67 -24.91 -18.68
C LEU A 57 -18.38 -24.75 -20.02
N GLY A 58 -18.62 -23.50 -20.41
CA GLY A 58 -19.26 -23.22 -21.68
C GLY A 58 -18.40 -23.59 -22.87
N THR A 59 -17.08 -23.65 -22.66
CA THR A 59 -16.16 -24.03 -23.72
C THR A 59 -16.40 -25.47 -24.19
N ILE A 60 -17.02 -26.27 -23.33
CA ILE A 60 -17.29 -27.67 -23.63
C ILE A 60 -18.63 -27.85 -24.33
N THR A 61 -19.64 -27.12 -23.85
CA THR A 61 -20.98 -27.23 -24.40
C THR A 61 -21.20 -26.28 -25.58
N GLY A 62 -20.70 -25.07 -25.45
CA GLY A 62 -20.70 -24.09 -26.54
C GLY A 62 -21.90 -23.16 -26.69
N PRO A 63 -22.15 -22.32 -25.68
CA PRO A 63 -23.09 -21.23 -25.89
C PRO A 63 -22.44 -20.24 -26.85
N PRO A 64 -23.21 -19.30 -27.43
CA PRO A 64 -22.61 -18.36 -28.38
C PRO A 64 -21.41 -17.60 -27.82
N GLN A 65 -21.41 -17.29 -26.52
CA GLN A 65 -20.31 -16.56 -25.90
C GLN A 65 -18.98 -17.28 -26.03
N CYS A 66 -19.01 -18.61 -26.21
CA CYS A 66 -17.79 -19.41 -26.17
C CYS A 66 -17.35 -19.95 -27.52
N ASP A 67 -17.95 -19.45 -28.60
CA ASP A 67 -17.65 -19.98 -29.93
C ASP A 67 -16.18 -19.86 -30.34
N GLN A 68 -15.46 -18.89 -29.78
CA GLN A 68 -14.05 -18.71 -30.10
C GLN A 68 -13.18 -19.70 -29.34
N PHE A 69 -13.71 -20.29 -28.29
CA PHE A 69 -12.89 -21.07 -27.37
C PHE A 69 -13.22 -22.55 -27.37
N LEU A 70 -13.99 -23.01 -28.35
CA LEU A 70 -14.45 -24.40 -28.41
C LEU A 70 -13.29 -25.38 -28.47
N GLU A 71 -12.16 -24.92 -28.99
CA GLU A 71 -10.94 -25.74 -29.04
C GLU A 71 -9.73 -24.89 -28.66
N PHE A 72 -9.88 -24.11 -27.59
CA PHE A 72 -8.84 -23.16 -27.19
C PHE A 72 -7.60 -23.85 -26.66
N SER A 73 -6.48 -23.15 -26.68
CA SER A 73 -5.22 -23.67 -26.18
C SER A 73 -4.58 -22.58 -25.34
N ALA A 74 -4.07 -22.94 -24.16
CA ALA A 74 -3.49 -21.95 -23.27
C ALA A 74 -2.55 -22.52 -22.22
N ASP A 75 -1.70 -21.66 -21.69
CA ASP A 75 -0.86 -21.98 -20.54
C ASP A 75 -1.51 -21.32 -19.33
N LEU A 76 -2.15 -20.18 -19.58
CA LEU A 76 -2.81 -19.41 -18.55
C LEU A 76 -4.25 -19.11 -18.94
N ILE A 77 -5.18 -19.55 -18.10
CA ILE A 77 -6.61 -19.40 -18.39
C ILE A 77 -7.23 -18.43 -17.40
N ILE A 78 -7.98 -17.45 -17.89
CA ILE A 78 -8.55 -16.44 -17.01
C ILE A 78 -10.07 -16.40 -17.07
N GLU A 79 -10.71 -16.74 -15.94
CA GLU A 79 -12.16 -16.62 -15.84
C GLU A 79 -12.52 -15.19 -15.45
N ARG A 80 -13.65 -14.71 -15.93
CA ARG A 80 -14.14 -13.39 -15.58
C ARG A 80 -15.49 -13.50 -14.89
N ARG A 81 -15.82 -12.52 -14.05
CA ARG A 81 -17.07 -12.56 -13.30
C ARG A 81 -18.28 -12.51 -14.22
N GLU A 82 -18.14 -11.82 -15.34
CA GLU A 82 -19.22 -11.69 -16.30
C GLU A 82 -19.45 -12.98 -17.08
N GLY A 83 -18.51 -13.91 -17.00
CA GLY A 83 -18.61 -15.16 -17.72
C GLY A 83 -19.85 -15.96 -17.36
N SER A 84 -20.39 -16.67 -18.36
CA SER A 84 -21.53 -17.55 -18.16
C SER A 84 -21.35 -18.86 -18.93
N ASP A 85 -21.58 -19.98 -18.26
CA ASP A 85 -21.43 -21.30 -18.89
C ASP A 85 -22.63 -21.66 -19.75
N VAL A 86 -23.63 -20.80 -19.73
CA VAL A 86 -24.97 -21.19 -20.14
C VAL A 86 -25.67 -20.13 -21.01
N CYS A 87 -26.42 -20.59 -22.00
CA CYS A 87 -27.38 -19.73 -22.70
C CYS A 87 -28.79 -20.11 -22.24
N TYR A 88 -29.24 -21.32 -22.56
CA TYR A 88 -30.47 -21.84 -21.99
C TYR A 88 -30.22 -22.16 -20.52
N PRO A 89 -31.00 -21.56 -19.61
CA PRO A 89 -30.80 -21.64 -18.17
C PRO A 89 -30.55 -23.05 -17.65
N GLY A 90 -29.54 -23.17 -16.80
CA GLY A 90 -29.19 -24.46 -16.24
C GLY A 90 -27.84 -24.43 -15.56
N LYS A 91 -27.39 -25.60 -15.10
CA LYS A 91 -26.12 -25.68 -14.41
C LYS A 91 -25.56 -27.09 -14.48
N PHE A 92 -24.24 -27.21 -14.27
CA PHE A 92 -23.58 -28.50 -14.25
C PHE A 92 -23.70 -29.13 -12.88
N VAL A 93 -23.81 -30.46 -12.86
CA VAL A 93 -23.66 -31.22 -11.65
C VAL A 93 -22.16 -31.43 -11.46
N ASN A 94 -21.69 -31.25 -10.22
CA ASN A 94 -20.27 -31.32 -9.91
C ASN A 94 -19.47 -30.33 -10.74
N GLU A 95 -19.95 -29.08 -10.76
CA GLU A 95 -19.39 -28.04 -11.60
C GLU A 95 -17.95 -27.68 -11.25
N GLU A 96 -17.68 -27.50 -9.96
CA GLU A 96 -16.37 -27.02 -9.55
C GLU A 96 -15.26 -28.02 -9.85
N ALA A 97 -15.54 -29.30 -9.62
CA ALA A 97 -14.57 -30.34 -9.94
C ALA A 97 -14.21 -30.28 -11.43
N LEU A 98 -15.22 -30.04 -12.26
CA LEU A 98 -15.00 -29.93 -13.70
C LEU A 98 -14.18 -28.69 -14.04
N ARG A 99 -14.43 -27.59 -13.32
CA ARG A 99 -13.66 -26.36 -13.52
C ARG A 99 -12.19 -26.59 -13.21
N GLN A 100 -11.92 -27.24 -12.07
CA GLN A 100 -10.56 -27.50 -11.64
C GLN A 100 -9.83 -28.37 -12.65
N ILE A 101 -10.56 -29.22 -13.35
CA ILE A 101 -9.98 -30.08 -14.38
C ILE A 101 -9.59 -29.25 -15.60
N LEU A 102 -10.49 -28.36 -16.03
CA LEU A 102 -10.26 -27.56 -17.23
C LEU A 102 -9.21 -26.48 -17.01
N ARG A 103 -9.06 -26.01 -15.78
CA ARG A 103 -8.08 -24.97 -15.46
C ARG A 103 -6.64 -25.44 -15.69
N GLU A 104 -6.41 -26.74 -15.61
CA GLU A 104 -5.07 -27.26 -15.83
C GLU A 104 -4.99 -28.17 -17.06
N SER A 105 -5.98 -28.05 -17.95
CA SER A 105 -6.04 -28.92 -19.11
C SER A 105 -5.08 -28.50 -20.22
N GLY A 106 -4.79 -27.20 -20.28
CA GLY A 106 -3.99 -26.66 -21.37
C GLY A 106 -4.87 -26.35 -22.56
N GLY A 107 -6.18 -26.34 -22.33
CA GLY A 107 -7.14 -26.16 -23.39
C GLY A 107 -7.76 -27.49 -23.80
N ILE A 108 -8.65 -27.45 -24.78
CA ILE A 108 -9.37 -28.65 -25.19
C ILE A 108 -9.30 -28.92 -26.69
N ASP A 109 -9.26 -30.20 -27.04
CA ASP A 109 -9.35 -30.66 -28.41
C ASP A 109 -10.67 -31.41 -28.56
N LYS A 110 -11.48 -31.00 -29.54
CA LYS A 110 -12.80 -31.61 -29.75
C LYS A 110 -12.76 -32.66 -30.85
N GLU A 111 -13.53 -33.73 -30.68
CA GLU A 111 -13.64 -34.78 -31.67
C GLU A 111 -15.07 -35.29 -31.78
N ALA A 112 -15.56 -35.41 -33.00
CA ALA A 112 -16.90 -35.90 -33.25
C ALA A 112 -17.13 -37.28 -32.65
N MET A 113 -18.32 -37.53 -32.12
CA MET A 113 -18.64 -38.81 -31.49
C MET A 113 -19.45 -39.71 -32.43
N GLY A 114 -19.97 -39.13 -33.50
CA GLY A 114 -20.58 -39.89 -34.57
C GLY A 114 -21.92 -40.51 -34.25
N PHE A 115 -22.81 -39.72 -33.66
CA PHE A 115 -24.17 -40.20 -33.39
C PHE A 115 -25.07 -39.86 -34.57
N THR A 116 -25.84 -40.84 -35.01
CA THR A 116 -26.80 -40.63 -36.09
C THR A 116 -28.20 -40.96 -35.58
N TYR A 117 -29.20 -40.23 -36.07
CA TYR A 117 -30.55 -40.34 -35.55
C TYR A 117 -31.59 -40.55 -36.66
N SER A 118 -32.64 -41.30 -36.35
CA SER A 118 -33.75 -41.52 -37.29
C SER A 118 -35.09 -41.48 -36.58
N GLY A 119 -36.06 -40.78 -37.18
CA GLY A 119 -37.40 -40.73 -36.63
C GLY A 119 -37.51 -39.75 -35.49
N ILE A 120 -36.84 -38.61 -35.64
CA ILE A 120 -36.59 -37.71 -34.52
C ILE A 120 -36.09 -36.38 -35.07
N ARG A 121 -36.46 -35.28 -34.42
CA ARG A 121 -35.86 -34.00 -34.76
C ARG A 121 -34.60 -33.77 -33.91
N THR A 122 -33.62 -33.09 -34.48
CA THR A 122 -32.40 -32.76 -33.75
C THR A 122 -32.20 -31.24 -33.70
N ASN A 123 -33.13 -30.49 -34.31
CA ASN A 123 -32.92 -29.05 -34.49
C ASN A 123 -33.50 -28.21 -33.36
N GLY A 124 -33.58 -28.80 -32.17
CA GLY A 124 -34.06 -28.07 -31.01
C GLY A 124 -33.26 -26.80 -30.82
N ALA A 125 -33.96 -25.66 -30.81
CA ALA A 125 -33.32 -24.37 -30.68
C ALA A 125 -34.06 -23.50 -29.68
N THR A 126 -33.44 -22.40 -29.26
CA THR A 126 -34.11 -21.49 -28.34
C THR A 126 -33.72 -20.04 -28.61
N SER A 127 -34.54 -19.13 -28.11
CA SER A 127 -34.29 -17.70 -28.26
C SER A 127 -33.15 -17.24 -27.35
N ALA A 128 -32.85 -18.04 -26.33
CA ALA A 128 -31.83 -17.70 -25.34
C ALA A 128 -30.43 -17.96 -25.88
N CYS A 129 -30.34 -18.79 -26.91
CA CYS A 129 -29.06 -19.04 -27.56
C CYS A 129 -29.07 -18.37 -28.93
N ARG A 130 -29.22 -17.05 -28.94
CA ARG A 130 -29.28 -16.36 -30.21
C ARG A 130 -27.92 -16.34 -30.88
N ARG A 131 -27.89 -16.90 -32.08
CA ARG A 131 -26.74 -16.90 -32.95
C ARG A 131 -27.29 -16.62 -34.33
N SER A 132 -27.13 -15.38 -34.79
CA SER A 132 -27.92 -14.85 -35.91
C SER A 132 -29.41 -14.93 -35.53
N GLY A 133 -29.99 -16.13 -35.63
CA GLY A 133 -31.35 -16.36 -35.15
C GLY A 133 -31.39 -17.24 -33.92
N SER A 134 -32.53 -17.88 -33.65
CA SER A 134 -32.62 -18.83 -32.54
C SER A 134 -31.71 -20.01 -32.81
N SER A 135 -31.04 -20.49 -31.76
CA SER A 135 -30.11 -21.60 -31.92
C SER A 135 -29.99 -22.40 -30.62
N PHE A 136 -28.86 -23.09 -30.43
CA PHE A 136 -28.67 -23.97 -29.28
C PHE A 136 -27.19 -24.13 -29.01
N TYR A 137 -26.84 -24.87 -27.94
CA TYR A 137 -25.44 -25.18 -27.65
C TYR A 137 -24.74 -25.86 -28.84
N ALA A 138 -23.60 -25.29 -29.22
CA ALA A 138 -22.91 -25.67 -30.45
C ALA A 138 -22.42 -27.12 -30.46
N GLU A 139 -22.13 -27.64 -29.28
CA GLU A 139 -21.56 -28.98 -29.19
C GLU A 139 -22.64 -30.02 -28.86
N MET A 140 -23.87 -29.56 -28.70
CA MET A 140 -24.93 -30.44 -28.24
C MET A 140 -26.09 -30.52 -29.24
N LYS A 141 -26.96 -31.51 -29.05
CA LYS A 141 -28.13 -31.66 -29.89
C LYS A 141 -29.37 -31.78 -29.03
N TRP A 142 -30.33 -30.88 -29.27
CA TRP A 142 -31.61 -30.92 -28.58
C TRP A 142 -32.55 -31.81 -29.38
N LEU A 143 -32.75 -33.04 -28.90
CA LEU A 143 -33.56 -34.03 -29.60
C LEU A 143 -35.04 -33.90 -29.24
N LEU A 144 -35.91 -33.89 -30.25
CA LEU A 144 -37.35 -33.84 -30.03
C LEU A 144 -38.00 -35.09 -30.59
N SER A 145 -39.33 -35.09 -30.66
CA SER A 145 -40.05 -36.30 -31.04
C SER A 145 -40.15 -36.46 -32.56
N ASN A 146 -40.77 -35.48 -33.22
CA ASN A 146 -40.82 -35.38 -34.69
C ASN A 146 -41.84 -34.35 -35.16
N THR A 147 -43.03 -34.35 -34.56
CA THR A 147 -44.12 -33.47 -35.00
C THR A 147 -44.61 -32.55 -33.88
N ASP A 148 -45.17 -33.16 -32.83
CA ASP A 148 -45.71 -32.52 -31.63
C ASP A 148 -46.46 -33.60 -30.88
N ASN A 149 -46.16 -33.74 -29.59
CA ASN A 149 -46.81 -34.73 -28.74
C ASN A 149 -46.58 -36.18 -29.18
N ALA A 150 -45.86 -36.36 -30.27
CA ALA A 150 -45.61 -37.70 -30.78
C ALA A 150 -44.65 -38.47 -29.89
N ALA A 151 -44.69 -39.79 -29.92
CA ALA A 151 -43.85 -40.60 -29.05
C ALA A 151 -42.38 -40.52 -29.45
N PHE A 152 -41.50 -40.42 -28.47
CA PHE A 152 -40.06 -40.42 -28.71
C PHE A 152 -39.56 -41.85 -28.62
N PRO A 153 -39.03 -42.37 -29.73
CA PRO A 153 -38.55 -43.75 -29.79
C PRO A 153 -37.43 -44.01 -28.79
N GLN A 154 -37.41 -45.18 -28.18
CA GLN A 154 -36.28 -45.56 -27.34
C GLN A 154 -35.03 -45.65 -28.21
N MET A 155 -33.93 -45.07 -27.75
CA MET A 155 -32.69 -45.09 -28.52
C MET A 155 -31.51 -45.49 -27.65
N THR A 156 -30.47 -45.99 -28.30
CA THR A 156 -29.24 -46.36 -27.61
C THR A 156 -28.02 -45.99 -28.46
N LYS A 157 -27.23 -45.03 -27.97
CA LYS A 157 -26.05 -44.57 -28.71
C LYS A 157 -24.79 -44.82 -27.89
N SER A 158 -23.76 -45.32 -28.55
CA SER A 158 -22.51 -45.58 -27.84
C SER A 158 -21.32 -44.92 -28.53
N TYR A 159 -20.26 -44.70 -27.76
CA TYR A 159 -19.06 -44.08 -28.27
C TYR A 159 -17.85 -44.64 -27.55
N LYS A 160 -16.86 -45.09 -28.33
CA LYS A 160 -15.62 -45.59 -27.76
C LYS A 160 -14.52 -44.54 -27.89
N ASN A 161 -13.76 -44.37 -26.82
CA ASN A 161 -12.61 -43.49 -26.87
C ASN A 161 -11.40 -44.26 -27.39
N THR A 162 -11.07 -44.05 -28.67
CA THR A 162 -10.02 -44.81 -29.33
C THR A 162 -8.68 -44.10 -29.20
N ARG A 163 -8.63 -43.11 -28.31
CA ARG A 163 -7.41 -42.35 -28.11
C ARG A 163 -6.69 -42.81 -26.84
N LYS A 164 -5.54 -42.20 -26.55
CA LYS A 164 -4.71 -42.63 -25.44
C LYS A 164 -4.94 -41.78 -24.20
N SER A 165 -5.72 -40.71 -24.36
CA SER A 165 -6.09 -39.85 -23.25
C SER A 165 -7.57 -40.01 -22.93
N PRO A 166 -7.95 -39.75 -21.68
CA PRO A 166 -9.37 -39.82 -21.31
C PRO A 166 -10.22 -38.77 -22.02
N ALA A 167 -11.45 -39.13 -22.36
CA ALA A 167 -12.34 -38.23 -23.10
C ALA A 167 -13.35 -37.58 -22.17
N LEU A 168 -13.55 -36.28 -22.35
CA LEU A 168 -14.51 -35.57 -21.52
C LEU A 168 -15.86 -35.58 -22.22
N ILE A 169 -16.84 -36.24 -21.61
CA ILE A 169 -18.15 -36.42 -22.21
C ILE A 169 -19.17 -35.62 -21.41
N VAL A 170 -20.05 -34.89 -22.09
CA VAL A 170 -21.08 -34.09 -21.42
C VAL A 170 -22.43 -34.32 -22.09
N TRP A 171 -23.46 -34.47 -21.26
CA TRP A 171 -24.85 -34.59 -21.73
C TRP A 171 -25.77 -33.76 -20.84
N GLY A 172 -26.97 -33.49 -21.33
CA GLY A 172 -27.91 -32.67 -20.60
C GLY A 172 -29.24 -33.35 -20.41
N ILE A 173 -29.89 -33.03 -19.30
CA ILE A 173 -31.25 -33.48 -19.05
C ILE A 173 -32.13 -32.25 -19.09
N HIS A 174 -33.22 -32.29 -19.85
CA HIS A 174 -34.06 -31.12 -20.00
C HIS A 174 -35.29 -31.21 -19.10
N HIS A 175 -35.48 -30.19 -18.26
CA HIS A 175 -36.64 -30.12 -17.39
C HIS A 175 -37.62 -29.08 -17.91
N SER A 176 -38.73 -29.52 -18.49
CA SER A 176 -39.71 -28.60 -19.08
C SER A 176 -40.45 -27.83 -17.99
N VAL A 177 -41.11 -26.76 -18.42
CA VAL A 177 -41.83 -25.91 -17.49
C VAL A 177 -43.09 -26.61 -16.97
N SER A 178 -43.57 -27.59 -17.74
CA SER A 178 -44.79 -28.32 -17.39
C SER A 178 -44.78 -29.71 -18.01
N THR A 179 -45.63 -30.60 -17.51
CA THR A 179 -45.73 -31.92 -18.10
C THR A 179 -46.38 -31.81 -19.48
N ALA A 180 -47.10 -30.71 -19.69
CA ALA A 180 -47.69 -30.42 -20.99
C ALA A 180 -46.61 -30.12 -22.01
N GLU A 181 -45.59 -29.37 -21.59
CA GLU A 181 -44.49 -29.03 -22.49
C GLU A 181 -43.59 -30.23 -22.73
N GLN A 182 -43.36 -31.03 -21.69
CA GLN A 182 -42.55 -32.23 -21.84
C GLN A 182 -43.17 -33.21 -22.83
N THR A 183 -44.49 -33.33 -22.78
CA THR A 183 -45.23 -34.21 -23.67
C THR A 183 -45.20 -33.70 -25.11
N LYS A 184 -45.32 -32.38 -25.25
CA LYS A 184 -45.27 -31.74 -26.56
C LYS A 184 -43.92 -31.95 -27.26
N LEU A 185 -42.86 -32.08 -26.47
CA LEU A 185 -41.51 -32.22 -27.01
C LEU A 185 -41.08 -33.68 -27.17
N TYR A 186 -41.42 -34.52 -26.18
CA TYR A 186 -40.91 -35.89 -26.16
C TYR A 186 -42.00 -36.96 -26.09
N GLY A 187 -43.26 -36.55 -26.02
CA GLY A 187 -44.36 -37.48 -25.91
C GLY A 187 -44.72 -37.79 -24.48
N SER A 188 -45.84 -38.48 -24.28
CA SER A 188 -46.35 -38.78 -22.94
C SER A 188 -45.50 -39.83 -22.24
N GLY A 189 -45.90 -40.19 -21.03
CA GLY A 189 -45.25 -41.25 -20.30
C GLY A 189 -43.96 -40.82 -19.63
N ASN A 190 -43.49 -41.64 -18.70
CA ASN A 190 -42.26 -41.32 -17.98
C ASN A 190 -41.05 -41.43 -18.90
N LYS A 191 -40.06 -40.59 -18.62
CA LYS A 191 -38.89 -40.52 -19.46
C LYS A 191 -37.68 -40.94 -18.65
N LEU A 192 -36.80 -41.74 -19.25
CA LEU A 192 -35.60 -42.23 -18.56
C LEU A 192 -34.36 -42.09 -19.42
N VAL A 193 -33.26 -41.69 -18.81
CA VAL A 193 -31.97 -41.64 -19.50
C VAL A 193 -30.94 -42.38 -18.66
N THR A 194 -30.30 -43.38 -19.24
CA THR A 194 -29.30 -44.17 -18.53
C THR A 194 -27.95 -43.97 -19.20
N VAL A 195 -26.91 -43.78 -18.40
CA VAL A 195 -25.57 -43.56 -18.93
C VAL A 195 -24.61 -44.59 -18.35
N GLY A 196 -24.10 -45.48 -19.19
CA GLY A 196 -23.26 -46.57 -18.72
C GLY A 196 -21.85 -46.60 -19.27
N SER A 197 -20.90 -46.84 -18.38
CA SER A 197 -19.49 -46.93 -18.72
C SER A 197 -18.93 -48.22 -18.12
N SER A 198 -17.61 -48.29 -17.98
CA SER A 198 -16.98 -49.46 -17.37
C SER A 198 -16.31 -49.10 -16.05
N ASN A 199 -16.81 -48.04 -15.43
CA ASN A 199 -16.37 -47.59 -14.11
C ASN A 199 -17.32 -46.49 -13.64
N TYR A 200 -18.43 -46.36 -14.36
CA TYR A 200 -19.41 -45.31 -14.10
C TYR A 200 -20.79 -45.84 -14.43
N GLN A 201 -21.76 -45.53 -13.57
CA GLN A 201 -23.15 -45.90 -13.79
C GLN A 201 -24.07 -44.93 -13.06
N GLN A 202 -24.90 -44.24 -13.83
CA GLN A 202 -25.80 -43.24 -13.28
C GLN A 202 -27.12 -43.32 -14.02
N SER A 203 -28.16 -42.69 -13.46
CA SER A 203 -29.45 -42.67 -14.12
C SER A 203 -30.16 -41.34 -13.93
N PHE A 204 -31.08 -41.01 -14.83
CA PHE A 204 -31.71 -39.70 -14.83
C PHE A 204 -33.17 -39.75 -15.28
N VAL A 205 -34.00 -38.95 -14.61
CA VAL A 205 -35.40 -38.78 -14.95
C VAL A 205 -35.63 -37.28 -15.00
N PRO A 206 -36.51 -36.81 -15.90
CA PRO A 206 -36.71 -35.36 -15.90
C PRO A 206 -37.74 -34.94 -14.85
N SER A 207 -37.70 -33.66 -14.48
CA SER A 207 -38.59 -33.09 -13.47
C SER A 207 -39.30 -31.88 -14.02
N PRO A 208 -40.40 -32.09 -14.75
CA PRO A 208 -41.15 -30.94 -15.29
C PRO A 208 -41.83 -30.15 -14.19
N GLY A 209 -41.83 -28.83 -14.29
CA GLY A 209 -42.43 -27.98 -13.29
C GLY A 209 -42.07 -26.52 -13.47
N ALA A 210 -42.90 -25.63 -12.93
CA ALA A 210 -42.68 -24.19 -13.05
C ALA A 210 -41.46 -23.76 -12.26
N ARG A 211 -40.65 -22.88 -12.85
CA ARG A 211 -39.46 -22.37 -12.21
C ARG A 211 -39.38 -20.88 -12.55
N PRO A 212 -38.64 -20.10 -11.73
CA PRO A 212 -38.54 -18.67 -12.05
C PRO A 212 -37.92 -18.44 -13.41
N GLN A 213 -38.37 -17.42 -14.12
CA GLN A 213 -37.87 -17.12 -15.45
C GLN A 213 -36.43 -16.63 -15.40
N VAL A 214 -35.54 -17.37 -16.05
CA VAL A 214 -34.15 -16.94 -16.23
C VAL A 214 -33.92 -16.82 -17.73
N ASN A 215 -33.45 -15.65 -18.17
CA ASN A 215 -33.34 -15.33 -19.60
C ASN A 215 -34.69 -15.45 -20.31
N GLY A 216 -35.76 -15.19 -19.57
CA GLY A 216 -37.11 -15.25 -20.10
C GLY A 216 -37.67 -16.65 -20.11
N LEU A 217 -36.86 -17.61 -19.67
CA LEU A 217 -37.25 -19.02 -19.71
C LEU A 217 -37.39 -19.65 -18.33
N SER A 218 -38.40 -20.52 -18.18
CA SER A 218 -38.68 -21.19 -16.92
C SER A 218 -38.27 -22.66 -16.96
N GLY A 219 -37.65 -23.06 -18.06
CA GLY A 219 -37.17 -24.42 -18.19
C GLY A 219 -35.72 -24.49 -17.75
N ARG A 220 -35.25 -25.68 -17.39
CA ARG A 220 -33.86 -25.86 -17.01
C ARG A 220 -33.22 -27.07 -17.67
N ILE A 221 -31.99 -26.90 -18.12
CA ILE A 221 -31.16 -27.99 -18.59
C ILE A 221 -30.00 -28.17 -17.61
N ASP A 222 -29.90 -29.33 -16.97
CA ASP A 222 -28.72 -29.57 -16.15
C ASP A 222 -27.77 -30.57 -16.80
N PHE A 223 -26.51 -30.16 -16.89
CA PHE A 223 -25.49 -30.91 -17.57
C PHE A 223 -24.77 -31.87 -16.62
N HIS A 224 -24.43 -33.04 -17.16
CA HIS A 224 -23.65 -34.02 -16.41
C HIS A 224 -22.45 -34.43 -17.24
N TRP A 225 -21.39 -34.90 -16.57
CA TRP A 225 -20.15 -35.20 -17.26
C TRP A 225 -19.41 -36.39 -16.66
N LEU A 226 -18.59 -37.03 -17.49
CA LEU A 226 -17.68 -38.05 -16.99
C LEU A 226 -16.39 -38.01 -17.80
N MET A 227 -15.37 -38.65 -17.27
CA MET A 227 -14.14 -38.86 -18.00
C MET A 227 -14.12 -40.31 -18.47
N LEU A 228 -13.95 -40.50 -19.77
CA LEU A 228 -13.94 -41.83 -20.37
C LEU A 228 -12.52 -42.33 -20.55
N ASN A 229 -12.20 -43.48 -19.95
CA ASN A 229 -10.87 -44.06 -20.11
C ASN A 229 -10.63 -44.56 -21.55
N PRO A 230 -9.35 -44.56 -21.97
CA PRO A 230 -8.98 -45.08 -23.30
C PRO A 230 -9.56 -46.47 -23.58
N ASN A 231 -10.04 -46.66 -24.81
CA ASN A 231 -10.65 -47.92 -25.26
C ASN A 231 -11.92 -48.30 -24.48
N ASP A 232 -12.28 -47.51 -23.49
CA ASP A 232 -13.55 -47.74 -22.80
C ASP A 232 -14.66 -47.11 -23.65
N THR A 233 -15.90 -47.43 -23.33
CA THR A 233 -17.05 -46.98 -24.10
C THR A 233 -18.11 -46.42 -23.17
N VAL A 234 -18.77 -45.34 -23.60
CA VAL A 234 -19.97 -44.87 -22.93
C VAL A 234 -21.18 -45.23 -23.78
N THR A 235 -22.27 -45.59 -23.13
CA THR A 235 -23.51 -45.90 -23.84
C THR A 235 -24.64 -45.07 -23.27
N PHE A 236 -25.45 -44.49 -24.15
CA PHE A 236 -26.58 -43.68 -23.74
C PHE A 236 -27.87 -44.38 -24.10
N SER A 237 -28.72 -44.62 -23.10
CA SER A 237 -30.05 -45.16 -23.35
C SER A 237 -31.07 -44.14 -22.86
N PHE A 238 -31.99 -43.75 -23.74
CA PHE A 238 -32.90 -42.65 -23.46
C PHE A 238 -34.14 -42.68 -24.34
N ASN A 239 -35.15 -41.90 -23.97
CA ASN A 239 -36.43 -41.88 -24.69
C ASN A 239 -37.06 -40.49 -24.64
N GLY A 240 -36.23 -39.48 -24.39
CA GLY A 240 -36.70 -38.10 -24.36
C GLY A 240 -35.98 -37.29 -23.31
N ALA A 241 -36.19 -35.98 -23.34
CA ALA A 241 -35.59 -35.05 -22.38
C ALA A 241 -34.07 -35.15 -22.31
N PHE A 242 -33.45 -35.63 -23.39
CA PHE A 242 -32.02 -35.86 -23.42
C PHE A 242 -31.30 -34.88 -24.34
N ILE A 243 -30.30 -34.20 -23.79
CA ILE A 243 -29.47 -33.32 -24.59
C ILE A 243 -28.19 -34.05 -24.91
N ALA A 244 -28.06 -34.46 -26.18
CA ALA A 244 -26.96 -35.31 -26.60
C ALA A 244 -25.73 -34.50 -27.00
N PRO A 245 -24.54 -35.05 -26.75
CA PRO A 245 -23.29 -34.46 -27.21
C PRO A 245 -23.04 -34.79 -28.67
N ASP A 246 -22.37 -33.88 -29.37
CA ASP A 246 -21.98 -34.10 -30.75
C ASP A 246 -20.49 -34.43 -30.81
N ARG A 247 -19.73 -33.81 -29.91
CA ARG A 247 -18.29 -34.00 -29.87
C ARG A 247 -17.80 -34.28 -28.46
N ALA A 248 -16.70 -35.01 -28.34
CA ALA A 248 -16.07 -35.21 -27.05
C ALA A 248 -14.88 -34.27 -26.93
N SER A 249 -14.35 -34.11 -25.72
CA SER A 249 -13.24 -33.20 -25.48
C SER A 249 -12.01 -33.93 -24.97
N PHE A 250 -10.83 -33.52 -25.42
CA PHE A 250 -9.60 -34.11 -24.92
C PHE A 250 -8.69 -33.01 -24.42
N LEU A 251 -8.08 -33.24 -23.26
CA LEU A 251 -7.24 -32.24 -22.65
C LEU A 251 -5.92 -32.15 -23.41
N ARG A 252 -5.48 -30.92 -23.70
CA ARG A 252 -4.29 -30.68 -24.52
C ARG A 252 -2.98 -30.95 -23.79
N GLY A 253 -2.85 -30.42 -22.57
CA GLY A 253 -1.64 -30.61 -21.81
C GLY A 253 -1.71 -30.12 -20.38
N LYS A 254 -1.05 -28.99 -20.14
CA LYS A 254 -0.93 -28.42 -18.81
C LYS A 254 -1.18 -26.93 -18.84
N SER A 255 -1.86 -26.43 -17.82
CA SER A 255 -2.11 -24.99 -17.72
C SER A 255 -2.42 -24.62 -16.28
N MET A 256 -2.73 -23.36 -16.07
CA MET A 256 -3.18 -22.88 -14.77
C MET A 256 -4.29 -21.90 -14.99
N GLY A 257 -5.33 -21.97 -14.17
CA GLY A 257 -6.47 -21.09 -14.33
C GLY A 257 -6.60 -20.15 -13.14
N ILE A 258 -7.01 -18.91 -13.41
CA ILE A 258 -7.26 -17.94 -12.36
C ILE A 258 -8.58 -17.21 -12.58
N GLN A 259 -9.06 -16.57 -11.53
CA GLN A 259 -10.21 -15.67 -11.61
C GLN A 259 -9.72 -14.25 -11.33
N SER A 260 -9.99 -13.33 -12.24
CA SER A 260 -9.46 -11.99 -12.09
C SER A 260 -10.41 -10.91 -12.60
N GLY A 261 -10.20 -9.69 -12.11
CA GLY A 261 -10.96 -8.54 -12.53
C GLY A 261 -10.06 -7.37 -12.90
N VAL A 262 -8.84 -7.67 -13.35
CA VAL A 262 -7.91 -6.64 -13.79
C VAL A 262 -7.43 -6.99 -15.19
N GLN A 263 -6.85 -6.02 -15.88
CA GLN A 263 -6.43 -6.22 -17.26
C GLN A 263 -5.30 -7.23 -17.37
N VAL A 264 -4.97 -7.60 -18.60
CA VAL A 264 -3.90 -8.53 -18.88
C VAL A 264 -2.69 -7.72 -19.36
N ASP A 265 -1.48 -8.22 -19.11
CA ASP A 265 -0.28 -7.55 -19.59
C ASP A 265 0.72 -8.59 -20.08
N ALA A 266 1.15 -8.45 -21.33
CA ALA A 266 2.02 -9.44 -21.95
C ALA A 266 3.47 -8.98 -21.99
N ASN A 267 3.74 -7.92 -21.24
CA ASN A 267 5.10 -7.40 -21.12
C ASN A 267 5.71 -7.88 -19.82
N CYS A 268 4.94 -7.74 -18.74
CA CYS A 268 5.32 -8.25 -17.43
C CYS A 268 5.43 -9.77 -17.41
N GLU A 269 6.45 -10.28 -16.71
CA GLU A 269 6.59 -11.72 -16.51
C GLU A 269 6.31 -12.05 -15.04
N GLY A 270 5.26 -12.84 -14.79
CA GLY A 270 4.87 -13.20 -13.45
C GLY A 270 4.61 -14.68 -13.27
N ASP A 271 4.42 -15.10 -12.02
CA ASP A 271 4.20 -16.52 -11.71
C ASP A 271 3.34 -16.72 -10.47
N CYS A 272 2.86 -15.62 -9.88
CA CYS A 272 1.97 -15.72 -8.74
C CYS A 272 0.81 -14.75 -8.92
N TYR A 273 -0.40 -15.29 -8.95
CA TYR A 273 -1.57 -14.47 -9.29
C TYR A 273 -2.64 -14.49 -8.20
N HIS A 274 -3.46 -13.45 -8.22
CA HIS A 274 -4.68 -13.40 -7.43
C HIS A 274 -5.68 -12.55 -8.21
N SER A 275 -6.91 -12.43 -7.72
CA SER A 275 -7.94 -11.73 -8.48
C SER A 275 -7.62 -10.25 -8.73
N GLY A 276 -6.71 -9.69 -7.93
CA GLY A 276 -6.38 -8.29 -8.01
C GLY A 276 -5.09 -7.99 -8.76
N GLY A 277 -4.40 -9.03 -9.20
CA GLY A 277 -3.21 -8.85 -10.01
C GLY A 277 -2.12 -9.87 -9.81
N THR A 278 -0.87 -9.42 -9.97
CA THR A 278 0.30 -10.29 -9.91
C THR A 278 1.25 -9.90 -8.80
N ILE A 279 1.77 -10.91 -8.10
CA ILE A 279 2.79 -10.71 -7.06
C ILE A 279 4.13 -11.17 -7.60
N ILE A 280 5.04 -10.22 -7.83
CA ILE A 280 6.39 -10.54 -8.26
C ILE A 280 7.32 -10.15 -7.14
N SER A 281 7.96 -11.13 -6.53
CA SER A 281 8.73 -10.85 -5.34
C SER A 281 9.66 -12.00 -5.01
N ASN A 282 10.83 -11.67 -4.47
CA ASN A 282 11.73 -12.69 -3.98
C ASN A 282 11.53 -12.91 -2.48
N LEU A 283 10.62 -12.13 -1.91
CA LEU A 283 10.34 -12.20 -0.46
C LEU A 283 9.63 -13.51 -0.10
N PRO A 284 9.94 -14.04 1.09
CA PRO A 284 9.39 -15.34 1.50
C PRO A 284 7.90 -15.29 1.83
N PHE A 285 7.40 -14.12 2.24
CA PHE A 285 6.02 -13.99 2.66
C PHE A 285 5.33 -12.85 1.93
N GLN A 286 4.00 -12.86 2.00
CA GLN A 286 3.17 -11.84 1.39
C GLN A 286 1.87 -11.69 2.19
N ASN A 287 1.29 -10.49 2.14
CA ASN A 287 0.09 -10.13 2.89
C ASN A 287 -0.97 -9.55 1.96
N ILE A 288 -0.92 -9.98 0.70
CA ILE A 288 -1.84 -9.45 -0.30
C ILE A 288 -3.13 -10.29 -0.43
N ASP A 289 -2.99 -11.60 -0.65
CA ASP A 289 -4.16 -12.48 -0.81
C ASP A 289 -3.87 -13.91 -0.37
N SER A 290 -4.69 -14.43 0.53
CA SER A 290 -4.46 -15.79 1.05
C SER A 290 -4.76 -16.85 0.01
N ARG A 291 -5.55 -16.50 -0.99
CA ARG A 291 -5.96 -17.45 -2.01
C ARG A 291 -5.14 -17.34 -3.30
N ALA A 292 -4.04 -16.60 -3.25
CA ALA A 292 -3.18 -16.44 -4.43
C ALA A 292 -2.69 -17.81 -4.92
N VAL A 293 -2.59 -17.97 -6.25
CA VAL A 293 -2.21 -19.27 -6.82
C VAL A 293 -0.99 -19.15 -7.72
N GLY A 294 -0.39 -20.29 -8.03
CA GLY A 294 0.84 -20.34 -8.78
C GLY A 294 2.00 -20.62 -7.85
N LYS A 295 3.16 -20.08 -8.16
CA LYS A 295 4.33 -20.22 -7.32
C LYS A 295 4.47 -18.93 -6.50
N CYS A 296 4.08 -19.00 -5.24
CA CYS A 296 3.90 -17.80 -4.42
C CYS A 296 4.70 -17.85 -3.13
N PRO A 297 5.03 -16.67 -2.60
CA PRO A 297 5.50 -16.58 -1.21
C PRO A 297 4.34 -16.92 -0.27
N ARG A 298 4.64 -17.46 0.91
CA ARG A 298 3.55 -17.90 1.80
C ARG A 298 2.79 -16.72 2.36
N TYR A 299 1.46 -16.83 2.41
CA TYR A 299 0.64 -15.77 2.96
C TYR A 299 0.72 -15.69 4.47
N VAL A 300 0.84 -14.47 4.99
CA VAL A 300 0.85 -14.26 6.44
C VAL A 300 -0.12 -13.14 6.83
N LYS A 301 -0.50 -13.14 8.11
CA LYS A 301 -1.42 -12.17 8.67
C LYS A 301 -0.79 -10.79 8.78
N GLN A 302 0.50 -10.77 9.07
CA GLN A 302 1.18 -9.53 9.39
C GLN A 302 1.49 -8.76 8.11
N ARG A 303 1.40 -7.44 8.18
CA ARG A 303 1.69 -6.61 7.02
C ARG A 303 3.18 -6.31 6.92
N SER A 304 3.89 -6.47 8.03
CA SER A 304 5.32 -6.16 8.07
C SER A 304 6.10 -6.98 9.08
N LEU A 305 7.19 -7.58 8.63
CA LEU A 305 8.13 -8.27 9.50
C LEU A 305 9.54 -7.86 9.08
N LEU A 306 10.16 -6.95 9.83
CA LEU A 306 11.44 -6.41 9.42
C LEU A 306 12.59 -7.30 9.87
N LEU A 307 13.47 -7.62 8.92
CA LEU A 307 14.65 -8.44 9.15
C LEU A 307 15.89 -7.56 9.25
N ALA A 308 16.57 -7.63 10.38
CA ALA A 308 17.80 -6.87 10.57
C ALA A 308 18.87 -7.26 9.56
N THR A 309 19.38 -6.28 8.83
CA THR A 309 20.48 -6.52 7.90
C THR A 309 21.75 -5.83 8.39
N GLY A 310 21.72 -5.40 9.64
CA GLY A 310 22.83 -4.71 10.24
C GLY A 310 22.82 -4.89 11.74
N MET A 311 23.91 -4.46 12.36
CA MET A 311 24.09 -4.60 13.81
C MET A 311 23.17 -3.69 14.60
N LYS A 312 23.14 -3.91 15.91
CA LYS A 312 22.37 -3.08 16.82
C LYS A 312 22.90 -1.65 16.76
N ASN A 313 21.99 -0.68 16.66
CA ASN A 313 22.40 0.71 16.54
C ASN A 313 22.63 1.34 17.90
N VAL A 314 23.85 1.81 18.13
CA VAL A 314 24.21 2.44 19.39
C VAL A 314 24.71 3.84 19.09
N PRO A 315 23.92 4.86 19.44
CA PRO A 315 24.24 6.26 19.13
C PRO A 315 25.52 6.71 19.83
N GLU A 316 26.32 7.54 19.16
CA GLU A 316 27.57 8.02 19.73
C GLU A 316 27.31 8.98 20.89
N ILE A 317 28.13 8.89 21.94
CA ILE A 317 28.00 9.78 23.08
C ILE A 317 28.53 11.16 22.68
N PRO A 318 27.65 12.17 22.68
CA PRO A 318 28.00 13.51 22.16
C PRO A 318 28.72 14.37 23.19
N GLY B 4 38.53 16.25 25.08
CA GLY B 4 38.90 15.79 23.76
C GLY B 4 39.31 14.33 23.73
N ALA B 5 38.67 13.52 24.58
CA ALA B 5 38.99 12.11 24.68
C ALA B 5 38.27 11.31 23.59
N ILE B 6 38.83 10.16 23.22
CA ILE B 6 38.16 9.25 22.31
C ILE B 6 37.73 8.00 23.06
N ALA B 7 36.70 7.32 22.54
CA ALA B 7 36.19 6.11 23.17
C ALA B 7 35.79 5.11 22.10
N GLY B 8 35.80 3.82 22.45
CA GLY B 8 35.40 2.79 21.51
C GLY B 8 34.03 2.23 21.84
N PHE B 9 33.75 1.02 21.37
CA PHE B 9 32.49 0.34 21.69
C PHE B 9 32.45 0.19 23.21
N ILE B 10 31.29 -0.17 23.76
CA ILE B 10 30.97 -0.05 25.20
C ILE B 10 30.47 1.37 25.43
N GLU B 11 29.14 1.50 25.44
CA GLU B 11 28.48 2.80 25.42
C GLU B 11 28.99 3.70 24.30
N ASN B 12 28.48 3.42 23.10
CA ASN B 12 28.48 4.27 21.88
C ASN B 12 29.12 3.61 20.65
N GLY B 13 28.52 3.89 19.50
CA GLY B 13 29.09 3.52 18.22
C GLY B 13 29.65 4.80 17.63
N TRP B 14 30.11 4.73 16.39
CA TRP B 14 30.70 5.88 15.71
C TRP B 14 29.92 6.24 14.47
N GLU B 15 29.29 7.40 14.46
CA GLU B 15 28.51 7.82 13.31
C GLU B 15 29.41 8.37 12.20
N GLY B 16 30.71 8.44 12.48
CA GLY B 16 31.67 8.92 11.50
C GLY B 16 32.32 7.79 10.73
N LEU B 17 32.26 6.58 11.29
CA LEU B 17 32.77 5.40 10.59
C LEU B 17 31.82 5.07 9.46
N ILE B 18 32.08 5.58 8.26
CA ILE B 18 31.15 5.47 7.16
C ILE B 18 31.65 4.61 6.01
N ASP B 19 32.83 3.99 6.18
CA ASP B 19 33.39 3.14 5.13
C ASP B 19 33.53 1.69 5.59
N GLY B 20 32.93 1.37 6.73
CA GLY B 20 32.99 0.02 7.27
C GLY B 20 32.10 -0.17 8.50
N TRP B 21 31.93 -1.42 8.91
CA TRP B 21 31.13 -1.73 10.09
C TRP B 21 31.97 -1.63 11.35
N TYR B 22 33.19 -2.15 11.27
CA TYR B 22 34.10 -2.12 12.42
C TYR B 22 35.35 -1.35 12.04
N GLY B 23 35.98 -0.69 13.02
CA GLY B 23 37.13 0.11 12.71
C GLY B 23 38.03 0.52 13.86
N PHE B 24 39.07 1.26 13.51
CA PHE B 24 40.06 1.75 14.45
C PHE B 24 39.97 3.26 14.59
N ARG B 25 40.17 3.75 15.81
CA ARG B 25 40.28 5.18 16.04
C ARG B 25 41.42 5.44 17.01
N HIS B 26 42.39 6.24 16.57
CA HIS B 26 43.59 6.45 17.36
C HIS B 26 43.77 7.92 17.70
N GLN B 27 44.61 8.19 18.67
CA GLN B 27 45.12 9.54 18.87
C GLN B 27 46.57 9.45 19.31
N ASN B 28 47.41 10.22 18.62
CA ASN B 28 48.82 10.32 18.91
C ASN B 28 49.26 11.76 18.70
N ALA B 29 50.56 12.01 18.68
CA ALA B 29 51.07 13.36 18.45
C ALA B 29 50.64 13.90 17.09
N GLN B 30 50.44 12.98 16.14
CA GLN B 30 50.00 13.35 14.80
C GLN B 30 48.53 13.77 14.76
N GLY B 31 47.82 13.52 15.86
CA GLY B 31 46.42 13.88 15.92
C GLY B 31 45.52 12.66 16.05
N GLU B 32 44.32 12.78 15.52
CA GLU B 32 43.30 11.74 15.64
C GLU B 32 42.99 11.15 14.26
N GLY B 33 42.63 9.88 14.21
CA GLY B 33 42.27 9.24 12.95
C GLY B 33 41.31 8.08 13.12
N THR B 34 40.60 7.75 12.04
CA THR B 34 39.64 6.65 12.04
C THR B 34 39.70 5.87 10.75
N ALA B 35 39.83 4.55 10.84
CA ALA B 35 39.87 3.70 9.67
C ALA B 35 39.10 2.42 9.92
N ALA B 36 38.54 1.86 8.85
CA ALA B 36 37.73 0.66 8.97
C ALA B 36 38.58 -0.59 8.83
N ASP B 37 38.23 -1.63 9.58
CA ASP B 37 38.89 -2.92 9.46
C ASP B 37 38.13 -3.75 8.44
N TYR B 38 38.85 -4.30 7.47
CA TYR B 38 38.20 -5.00 6.37
C TYR B 38 37.70 -6.38 6.76
N LYS B 39 38.59 -7.19 7.33
CA LYS B 39 38.31 -8.59 7.62
C LYS B 39 37.10 -8.78 8.53
N SER B 40 36.98 -7.94 9.55
CA SER B 40 35.86 -8.03 10.47
C SER B 40 34.57 -7.54 9.81
N THR B 41 34.69 -6.49 9.02
CA THR B 41 33.54 -5.93 8.33
C THR B 41 32.99 -6.94 7.31
N GLN B 42 33.88 -7.56 6.55
CA GLN B 42 33.45 -8.48 5.50
C GLN B 42 32.82 -9.76 6.05
N SER B 43 33.39 -10.25 7.15
CA SER B 43 32.85 -11.43 7.82
C SER B 43 31.39 -11.21 8.22
N ALA B 44 31.11 -10.05 8.81
CA ALA B 44 29.76 -9.72 9.22
C ALA B 44 28.86 -9.57 7.99
N ILE B 45 29.35 -8.85 6.98
CA ILE B 45 28.58 -8.67 5.76
C ILE B 45 28.31 -10.00 5.04
N ASP B 46 29.31 -10.89 4.99
CA ASP B 46 29.13 -12.17 4.34
C ASP B 46 28.09 -13.03 5.06
N GLN B 47 28.03 -12.92 6.39
CA GLN B 47 27.08 -13.70 7.17
C GLN B 47 25.64 -13.18 7.02
N ILE B 48 25.48 -11.87 6.98
CA ILE B 48 24.16 -11.27 6.87
C ILE B 48 23.61 -11.54 5.47
N THR B 49 24.42 -11.33 4.46
CA THR B 49 24.01 -11.60 3.09
C THR B 49 23.73 -13.09 2.90
N GLY B 50 24.45 -13.93 3.64
CA GLY B 50 24.22 -15.37 3.63
C GLY B 50 22.81 -15.72 4.11
N LYS B 51 22.33 -14.99 5.12
CA LYS B 51 20.96 -15.18 5.61
C LYS B 51 19.95 -14.82 4.54
N LEU B 52 20.19 -13.70 3.88
CA LEU B 52 19.28 -13.18 2.86
C LEU B 52 19.09 -14.18 1.72
N ASN B 53 20.20 -14.75 1.24
CA ASN B 53 20.15 -15.72 0.17
C ASN B 53 19.32 -16.93 0.58
N ARG B 54 19.48 -17.36 1.82
CA ARG B 54 18.74 -18.50 2.34
C ARG B 54 17.24 -18.22 2.35
N LEU B 55 16.87 -16.96 2.57
CA LEU B 55 15.47 -16.58 2.66
C LEU B 55 14.89 -16.20 1.29
N ILE B 56 15.73 -16.25 0.26
CA ILE B 56 15.30 -15.95 -1.10
C ILE B 56 15.05 -17.25 -1.88
N GLU B 57 15.67 -18.33 -1.43
CA GLU B 57 15.51 -19.65 -2.03
C GLU B 57 14.04 -19.99 -2.21
N LYS B 58 13.55 -19.79 -3.44
CA LYS B 58 12.13 -19.92 -3.74
C LYS B 58 11.64 -21.36 -3.76
N THR B 59 10.34 -21.52 -3.56
CA THR B 59 9.71 -22.83 -3.58
C THR B 59 9.26 -23.19 -4.99
N ASN B 60 9.37 -24.47 -5.33
CA ASN B 60 8.93 -24.96 -6.63
C ASN B 60 7.51 -25.52 -6.54
N GLN B 61 6.92 -25.42 -5.36
CA GLN B 61 5.56 -25.92 -5.15
C GLN B 61 4.54 -24.96 -5.75
N GLN B 62 3.77 -25.47 -6.69
CA GLN B 62 2.72 -24.70 -7.31
C GLN B 62 1.39 -25.08 -6.68
N PHE B 63 0.56 -24.07 -6.39
CA PHE B 63 -0.77 -24.34 -5.87
C PHE B 63 -1.84 -23.81 -6.80
N GLU B 64 -2.96 -24.50 -6.87
CA GLU B 64 -4.06 -24.10 -7.73
C GLU B 64 -5.31 -23.81 -6.93
N LEU B 65 -6.31 -23.25 -7.60
CA LEU B 65 -7.56 -22.86 -6.99
C LEU B 65 -8.27 -24.10 -6.42
N ILE B 66 -8.81 -23.97 -5.22
CA ILE B 66 -9.48 -25.10 -4.59
C ILE B 66 -10.92 -24.73 -4.26
N ASP B 67 -11.23 -23.44 -4.33
CA ASP B 67 -12.60 -22.96 -4.24
C ASP B 67 -12.79 -21.88 -5.30
N ASN B 68 -13.87 -21.12 -5.15
CA ASN B 68 -14.35 -20.22 -6.19
C ASN B 68 -14.91 -18.94 -5.58
N GLU B 69 -14.45 -17.79 -6.04
CA GLU B 69 -14.93 -16.51 -5.49
C GLU B 69 -15.98 -15.83 -6.38
N PHE B 70 -16.35 -16.48 -7.48
CA PHE B 70 -17.48 -16.03 -8.29
C PHE B 70 -18.72 -16.88 -7.96
N ASN B 71 -18.56 -18.20 -8.10
CA ASN B 71 -19.60 -19.16 -7.75
C ASN B 71 -19.21 -19.97 -6.52
N GLU B 72 -19.62 -19.49 -5.34
CA GLU B 72 -19.22 -20.08 -4.07
C GLU B 72 -19.52 -21.58 -3.99
N VAL B 73 -18.54 -22.36 -3.53
CA VAL B 73 -18.72 -23.81 -3.46
C VAL B 73 -19.71 -24.19 -2.37
N GLU B 74 -20.01 -25.48 -2.27
CA GLU B 74 -20.96 -25.97 -1.28
C GLU B 74 -20.51 -25.60 0.13
N LYS B 75 -21.47 -25.32 1.02
CA LYS B 75 -21.17 -24.81 2.36
C LYS B 75 -20.20 -25.68 3.15
N GLN B 76 -20.53 -26.96 3.28
CA GLN B 76 -19.75 -27.87 4.10
C GLN B 76 -18.31 -27.98 3.61
N ILE B 77 -18.13 -28.29 2.33
CA ILE B 77 -16.76 -28.43 1.82
C ILE B 77 -16.09 -27.07 1.84
N GLY B 78 -16.86 -26.00 1.71
CA GLY B 78 -16.33 -24.65 1.72
C GLY B 78 -15.81 -24.26 3.10
N ASN B 79 -16.58 -24.61 4.14
CA ASN B 79 -16.16 -24.34 5.51
C ASN B 79 -14.93 -25.18 5.90
N VAL B 80 -14.86 -26.42 5.41
CA VAL B 80 -13.70 -27.27 5.66
C VAL B 80 -12.44 -26.64 5.07
N ILE B 81 -12.55 -26.19 3.82
CA ILE B 81 -11.46 -25.52 3.12
C ILE B 81 -10.99 -24.25 3.83
N ASN B 82 -11.95 -23.38 4.17
CA ASN B 82 -11.64 -22.15 4.89
C ASN B 82 -10.94 -22.45 6.20
N TRP B 83 -11.48 -23.43 6.93
CA TRP B 83 -10.91 -23.86 8.20
C TRP B 83 -9.46 -24.35 8.02
N THR B 84 -9.22 -25.09 6.95
CA THR B 84 -7.88 -25.60 6.67
C THR B 84 -6.91 -24.48 6.28
N ARG B 85 -7.37 -23.57 5.43
CA ARG B 85 -6.51 -22.47 4.98
C ARG B 85 -6.16 -21.54 6.13
N ASP B 86 -7.17 -21.22 6.94
CA ASP B 86 -6.97 -20.34 8.08
C ASP B 86 -6.03 -21.00 9.11
N SER B 87 -6.11 -22.32 9.19
CA SER B 87 -5.26 -23.06 10.11
C SER B 87 -3.81 -22.98 9.61
N ILE B 88 -3.65 -23.05 8.29
CA ILE B 88 -2.34 -23.02 7.67
C ILE B 88 -1.75 -21.60 7.72
N THR B 89 -2.60 -20.60 7.56
CA THR B 89 -2.16 -19.20 7.64
C THR B 89 -1.64 -18.89 9.05
N GLU B 90 -2.35 -19.41 10.05
CA GLU B 90 -1.88 -19.28 11.43
C GLU B 90 -0.48 -19.88 11.60
N VAL B 91 -0.27 -21.04 10.97
CA VAL B 91 1.02 -21.71 11.06
C VAL B 91 2.14 -20.89 10.40
N TRP B 92 1.89 -20.38 9.20
CA TRP B 92 2.91 -19.59 8.54
C TRP B 92 3.14 -18.24 9.20
N SER B 93 2.07 -17.62 9.70
CA SER B 93 2.21 -16.37 10.43
C SER B 93 3.10 -16.57 11.66
N TYR B 94 2.89 -17.70 12.33
CA TYR B 94 3.71 -18.06 13.48
C TYR B 94 5.16 -18.26 13.05
N ASN B 95 5.35 -19.11 12.05
CA ASN B 95 6.68 -19.39 11.52
C ASN B 95 7.42 -18.13 11.14
N ALA B 96 6.76 -17.26 10.37
CA ALA B 96 7.35 -16.02 9.91
C ALA B 96 7.81 -15.14 11.07
N GLU B 97 6.93 -14.96 12.05
CA GLU B 97 7.22 -14.14 13.21
C GLU B 97 8.44 -14.66 13.97
N LEU B 98 8.46 -15.97 14.19
CA LEU B 98 9.54 -16.62 14.92
C LEU B 98 10.84 -16.59 14.14
N LEU B 99 10.78 -16.91 12.85
CA LEU B 99 11.95 -16.87 11.99
C LEU B 99 12.66 -15.50 12.05
N VAL B 100 11.90 -14.43 11.83
CA VAL B 100 12.46 -13.08 11.85
C VAL B 100 13.03 -12.71 13.23
N ALA B 101 12.26 -12.97 14.28
CA ALA B 101 12.73 -12.69 15.63
C ALA B 101 14.02 -13.45 15.95
N MET B 102 14.07 -14.71 15.52
CA MET B 102 15.21 -15.57 15.78
C MET B 102 16.43 -15.09 15.01
N GLU B 103 16.26 -14.86 13.72
CA GLU B 103 17.35 -14.39 12.87
C GLU B 103 17.89 -13.04 13.36
N ASN B 104 17.00 -12.15 13.76
CA ASN B 104 17.41 -10.83 14.22
C ASN B 104 18.23 -10.91 15.50
N GLN B 105 17.83 -11.81 16.41
CA GLN B 105 18.58 -12.03 17.65
C GLN B 105 19.97 -12.55 17.32
N HIS B 106 20.05 -13.46 16.36
CA HIS B 106 21.31 -14.01 15.94
C HIS B 106 22.16 -12.97 15.20
N THR B 107 21.54 -12.17 14.34
CA THR B 107 22.24 -11.12 13.60
C THR B 107 22.92 -10.15 14.57
N ILE B 108 22.16 -9.72 15.57
CA ILE B 108 22.66 -8.82 16.60
C ILE B 108 23.81 -9.46 17.39
N ASP B 109 23.64 -10.71 17.80
CA ASP B 109 24.65 -11.40 18.58
C ASP B 109 25.95 -11.65 17.82
N LEU B 110 25.87 -12.07 16.55
CA LEU B 110 27.08 -12.35 15.79
C LEU B 110 27.82 -11.06 15.47
N ALA B 111 27.09 -9.97 15.41
CA ALA B 111 27.68 -8.66 15.19
C ALA B 111 28.45 -8.24 16.42
N ASP B 112 27.87 -8.48 17.59
CA ASP B 112 28.55 -8.24 18.86
C ASP B 112 29.78 -9.12 18.98
N SER B 113 29.66 -10.35 18.47
CA SER B 113 30.75 -11.31 18.48
C SER B 113 31.95 -10.79 17.67
N GLU B 114 31.69 -10.30 16.46
CA GLU B 114 32.76 -9.76 15.62
C GLU B 114 33.48 -8.61 16.31
N MET B 115 32.73 -7.78 17.02
CA MET B 115 33.31 -6.67 17.75
C MET B 115 34.28 -7.14 18.84
N ASP B 116 33.85 -8.12 19.63
CA ASP B 116 34.71 -8.72 20.65
C ASP B 116 35.96 -9.36 20.05
N LYS B 117 35.78 -10.11 18.96
CA LYS B 117 36.90 -10.78 18.30
C LYS B 117 37.96 -9.80 17.80
N LEU B 118 37.51 -8.65 17.31
CA LEU B 118 38.42 -7.61 16.82
C LEU B 118 39.19 -7.00 18.00
N TYR B 119 38.46 -6.73 19.08
CA TYR B 119 39.04 -6.17 20.30
C TYR B 119 40.06 -7.11 20.91
N GLU B 120 39.71 -8.40 20.95
CA GLU B 120 40.59 -9.40 21.54
C GLU B 120 41.85 -9.62 20.70
N ARG B 121 41.72 -9.47 19.39
CA ARG B 121 42.85 -9.64 18.49
C ARG B 121 43.88 -8.55 18.75
N VAL B 122 43.40 -7.31 18.77
CA VAL B 122 44.24 -6.15 19.01
C VAL B 122 44.92 -6.28 20.36
N LYS B 123 44.18 -6.74 21.36
CA LYS B 123 44.73 -6.95 22.71
C LYS B 123 45.90 -7.92 22.67
N ARG B 124 45.79 -8.95 21.85
CA ARG B 124 46.84 -9.94 21.73
C ARG B 124 48.03 -9.43 20.90
N GLN B 125 47.78 -8.44 20.05
CA GLN B 125 48.85 -7.82 19.29
C GLN B 125 49.71 -6.98 20.22
N LEU B 126 49.06 -6.25 21.12
CA LEU B 126 49.74 -5.27 21.96
C LEU B 126 50.47 -5.91 23.14
N ARG B 127 50.17 -7.17 23.43
CA ARG B 127 50.85 -7.93 24.48
C ARG B 127 50.90 -7.17 25.80
N GLU B 128 52.12 -6.86 26.23
CA GLU B 128 52.33 -6.22 27.52
C GLU B 128 52.63 -4.72 27.35
N ASN B 129 52.39 -4.20 26.15
CA ASN B 129 52.72 -2.83 25.85
C ASN B 129 51.54 -1.87 25.97
N ALA B 130 50.40 -2.38 26.41
CA ALA B 130 49.20 -1.55 26.53
C ALA B 130 48.26 -2.02 27.63
N GLU B 131 47.31 -1.16 28.00
CA GLU B 131 46.31 -1.47 29.01
C GLU B 131 44.94 -0.99 28.55
N GLU B 132 43.90 -1.72 28.93
CA GLU B 132 42.52 -1.38 28.57
C GLU B 132 42.03 -0.20 29.42
N ASP B 133 41.36 0.76 28.79
CA ASP B 133 40.85 1.92 29.52
C ASP B 133 39.40 1.68 29.95
N GLY B 134 38.83 0.59 29.45
CA GLY B 134 37.47 0.23 29.83
C GLY B 134 36.37 0.85 28.97
N THR B 135 36.75 1.55 27.92
CA THR B 135 35.78 2.09 26.97
C THR B 135 35.95 1.46 25.60
N GLY B 136 36.73 0.39 25.53
CA GLY B 136 36.98 -0.28 24.28
C GLY B 136 38.27 0.20 23.63
N CYS B 137 39.07 0.93 24.39
CA CYS B 137 40.33 1.46 23.90
C CYS B 137 41.51 0.82 24.59
N PHE B 138 42.70 1.08 24.05
CA PHE B 138 43.95 0.63 24.65
C PHE B 138 44.87 1.82 24.88
N GLU B 139 45.32 2.00 26.12
CA GLU B 139 46.35 2.98 26.38
C GLU B 139 47.71 2.38 26.02
N ILE B 140 48.36 2.94 24.99
CA ILE B 140 49.64 2.44 24.53
C ILE B 140 50.77 3.13 25.28
N PHE B 141 51.59 2.36 25.99
CA PHE B 141 52.62 2.93 26.87
C PHE B 141 53.96 3.15 26.17
N HIS B 142 53.90 3.45 24.88
CA HIS B 142 55.06 3.89 24.14
C HIS B 142 54.60 4.85 23.08
N LYS B 143 55.55 5.50 22.40
CA LYS B 143 55.24 6.42 21.34
C LYS B 143 54.76 5.63 20.13
N CYS B 144 53.56 5.94 19.66
CA CYS B 144 53.02 5.24 18.51
C CYS B 144 52.58 6.25 17.45
N ASP B 145 53.46 6.54 16.49
CA ASP B 145 53.11 7.46 15.41
C ASP B 145 52.13 6.81 14.44
N ASP B 146 51.81 7.51 13.36
CA ASP B 146 50.83 7.01 12.40
C ASP B 146 51.24 5.70 11.76
N ASP B 147 52.53 5.53 11.52
CA ASP B 147 53.04 4.31 10.92
C ASP B 147 52.91 3.13 11.88
N CYS B 148 53.12 3.41 13.16
CA CYS B 148 52.95 2.42 14.22
C CYS B 148 51.47 2.05 14.35
N MET B 149 50.60 3.06 14.28
CA MET B 149 49.17 2.82 14.35
C MET B 149 48.72 1.97 13.17
N ALA B 150 49.26 2.27 11.99
CA ALA B 150 48.91 1.51 10.80
C ALA B 150 49.39 0.06 10.90
N SER B 151 50.53 -0.13 11.55
CA SER B 151 51.07 -1.48 11.72
C SER B 151 50.13 -2.33 12.56
N ILE B 152 49.44 -1.70 13.51
CA ILE B 152 48.49 -2.40 14.35
C ILE B 152 47.29 -2.84 13.53
N ARG B 153 46.83 -1.97 12.64
CA ARG B 153 45.65 -2.22 11.82
C ARG B 153 45.86 -3.34 10.79
N ASN B 154 47.08 -3.50 10.28
CA ASN B 154 47.35 -4.56 9.31
C ASN B 154 48.15 -5.71 9.93
N ASN B 155 48.14 -5.77 11.26
CA ASN B 155 48.74 -6.87 12.00
C ASN B 155 50.23 -7.07 11.73
N THR B 156 50.96 -5.96 11.54
CA THR B 156 52.40 -6.04 11.34
C THR B 156 53.13 -5.45 12.55
N TYR B 157 52.39 -5.25 13.63
CA TYR B 157 52.95 -4.68 14.85
C TYR B 157 53.75 -5.72 15.62
N ASP B 158 55.03 -5.46 15.82
CA ASP B 158 55.89 -6.36 16.59
C ASP B 158 56.08 -5.82 17.99
N HIS B 159 55.42 -6.45 18.96
CA HIS B 159 55.45 -5.97 20.33
C HIS B 159 56.85 -6.00 20.92
N SER B 160 57.71 -6.85 20.37
CA SER B 160 59.08 -6.98 20.87
C SER B 160 59.88 -5.69 20.71
N LYS B 161 59.49 -4.89 19.73
CA LYS B 161 60.19 -3.67 19.40
C LYS B 161 59.99 -2.59 20.45
N TYR B 162 58.81 -2.58 21.07
CA TYR B 162 58.46 -1.50 21.98
C TYR B 162 58.37 -1.96 23.43
N ARG B 163 58.66 -3.23 23.66
CA ARG B 163 58.41 -3.83 24.97
C ARG B 163 59.20 -3.18 26.11
N GLU B 164 60.49 -2.95 25.91
CA GLU B 164 61.31 -2.28 26.93
C GLU B 164 60.70 -0.97 27.34
N GLU B 165 60.53 -0.07 26.37
CA GLU B 165 59.94 1.25 26.57
C GLU B 165 58.56 1.18 27.23
N ALA B 166 57.78 0.19 26.85
CA ALA B 166 56.42 0.08 27.35
C ALA B 166 56.38 -0.39 28.80
N MET B 167 57.12 -1.45 29.11
CA MET B 167 57.13 -1.98 30.47
C MET B 167 57.67 -0.94 31.46
N GLN B 168 58.62 -0.13 31.00
CA GLN B 168 59.16 0.97 31.81
C GLN B 168 58.05 1.95 32.18
N ASN B 169 57.36 2.46 31.17
CA ASN B 169 56.31 3.45 31.38
C ASN B 169 55.15 2.89 32.20
N ARG B 170 54.91 1.59 32.10
CA ARG B 170 53.83 0.94 32.83
C ARG B 170 54.15 0.79 34.31
N ILE B 171 55.37 0.35 34.60
CA ILE B 171 55.77 -0.01 35.96
C ILE B 171 56.07 1.24 36.82
N GLN B 172 56.38 2.36 36.18
CA GLN B 172 56.59 3.62 36.89
C GLN B 172 56.77 4.79 35.92
N ASP C 1 -0.27 17.26 66.43
CA ASP C 1 -0.17 16.40 65.26
C ASP C 1 -0.99 16.95 64.11
N LYS C 2 -0.45 16.84 62.89
CA LYS C 2 -1.00 17.56 61.75
C LYS C 2 -0.77 16.79 60.44
N ILE C 3 -1.77 16.76 59.57
CA ILE C 3 -1.63 16.20 58.23
C ILE C 3 -2.18 17.16 57.17
N CYS C 4 -1.41 17.38 56.11
CA CYS C 4 -1.80 18.34 55.08
C CYS C 4 -1.95 17.69 53.70
N LEU C 5 -2.90 18.20 52.91
CA LEU C 5 -3.09 17.76 51.54
C LEU C 5 -2.56 18.80 50.58
N GLY C 6 -1.80 18.36 49.58
CA GLY C 6 -1.22 19.28 48.63
C GLY C 6 -1.06 18.74 47.24
N HIS C 7 -0.50 19.56 46.38
CA HIS C 7 -0.24 19.19 44.99
C HIS C 7 1.15 19.63 44.62
N HIS C 8 1.73 19.00 43.60
CA HIS C 8 3.10 19.31 43.21
C HIS C 8 3.16 20.65 42.47
N ALA C 9 4.37 21.19 42.35
CA ALA C 9 4.58 22.44 41.64
C ALA C 9 6.05 22.60 41.29
N VAL C 10 6.35 23.46 40.32
CA VAL C 10 7.74 23.67 39.91
C VAL C 10 8.02 25.14 39.67
N SER C 11 9.30 25.46 39.50
CA SER C 11 9.74 26.81 39.13
C SER C 11 9.92 26.91 37.61
N ASN C 12 9.94 25.77 36.95
CA ASN C 12 10.14 25.71 35.50
C ASN C 12 8.78 25.75 34.78
N GLY C 13 7.93 26.69 35.19
CA GLY C 13 6.57 26.75 34.69
C GLY C 13 6.45 27.29 33.30
N THR C 14 5.53 26.73 32.52
CA THR C 14 5.30 27.16 31.15
C THR C 14 3.91 27.76 30.99
N LYS C 15 3.83 28.86 30.25
CA LYS C 15 2.57 29.61 30.12
C LYS C 15 1.65 29.04 29.04
N VAL C 16 0.35 29.00 29.33
CA VAL C 16 -0.66 28.59 28.37
C VAL C 16 -1.84 29.55 28.44
N ASN C 17 -2.81 29.38 27.56
CA ASN C 17 -3.99 30.24 27.55
C ASN C 17 -5.29 29.48 27.85
N THR C 18 -6.25 30.20 28.42
CA THR C 18 -7.57 29.62 28.69
C THR C 18 -8.66 30.53 28.11
N LEU C 19 -9.91 30.26 28.48
CA LEU C 19 -11.02 31.12 28.10
C LEU C 19 -10.87 32.49 28.73
N THR C 20 -10.37 32.50 29.97
CA THR C 20 -10.26 33.72 30.76
C THR C 20 -8.86 34.32 30.71
N GLU C 21 -7.86 33.55 31.15
CA GLU C 21 -6.50 34.07 31.28
C GLU C 21 -5.64 33.93 30.03
N ARG C 22 -4.63 34.78 29.94
CA ARG C 22 -3.64 34.71 28.87
C ARG C 22 -2.23 34.64 29.46
N GLY C 23 -1.64 33.45 29.42
CA GLY C 23 -0.30 33.26 29.93
C GLY C 23 -0.24 32.69 31.34
N VAL C 24 -1.27 31.96 31.74
CA VAL C 24 -1.28 31.30 33.04
C VAL C 24 -0.33 30.10 33.05
N GLU C 25 0.53 30.03 34.06
CA GLU C 25 1.53 28.97 34.13
C GLU C 25 0.93 27.66 34.61
N VAL C 26 1.27 26.58 33.90
CA VAL C 26 0.90 25.23 34.31
C VAL C 26 2.18 24.43 34.51
N VAL C 27 2.05 23.24 35.10
CA VAL C 27 3.20 22.40 35.42
C VAL C 27 3.88 21.84 34.18
N ASN C 28 3.06 21.45 33.20
CA ASN C 28 3.56 20.83 31.97
C ASN C 28 2.65 21.11 30.78
N ALA C 29 3.25 21.28 29.61
CA ALA C 29 2.49 21.54 28.39
C ALA C 29 3.22 20.98 27.17
N THR C 30 2.49 20.81 26.08
CA THR C 30 3.06 20.32 24.83
C THR C 30 2.50 21.13 23.67
N GLU C 31 3.22 21.13 22.55
CA GLU C 31 2.79 21.90 21.39
C GLU C 31 1.77 21.13 20.56
N THR C 32 0.82 21.86 20.00
CA THR C 32 -0.22 21.27 19.16
C THR C 32 -0.01 21.67 17.71
N VAL C 33 0.85 22.67 17.49
CA VAL C 33 1.10 23.19 16.16
C VAL C 33 2.47 22.74 15.66
N GLU C 34 2.47 21.91 14.62
CA GLU C 34 3.71 21.40 14.07
C GLU C 34 4.44 22.46 13.25
N ARG C 35 5.73 22.60 13.52
CA ARG C 35 6.57 23.54 12.77
C ARG C 35 7.83 22.85 12.26
N THR C 36 7.99 21.58 12.62
CA THR C 36 9.17 20.82 12.23
C THR C 36 8.96 20.21 10.85
N ASN C 37 9.70 20.74 9.88
CA ASN C 37 9.59 20.30 8.50
C ASN C 37 10.75 19.38 8.12
N ILE C 38 10.44 18.35 7.35
CA ILE C 38 11.47 17.48 6.79
C ILE C 38 11.73 17.91 5.36
N PRO C 39 12.88 18.54 5.10
CA PRO C 39 13.18 19.08 3.77
C PRO C 39 13.53 18.01 2.73
N ARG C 40 12.79 16.90 2.76
CA ARG C 40 12.93 15.83 1.78
C ARG C 40 11.56 15.25 1.45
N ILE C 41 11.49 14.48 0.37
CA ILE C 41 10.27 13.78 0.02
C ILE C 41 10.34 12.33 0.47
N CYS C 42 9.74 12.05 1.62
CA CYS C 42 9.78 10.72 2.19
C CYS C 42 8.91 9.76 1.39
N SER C 43 9.55 8.86 0.65
CA SER C 43 8.85 8.06 -0.35
C SER C 43 8.80 6.56 -0.05
N LYS C 44 9.32 6.15 1.11
CA LYS C 44 9.35 4.73 1.47
C LYS C 44 7.97 4.09 1.41
N GLY C 45 7.89 2.97 0.71
CA GLY C 45 6.63 2.25 0.59
C GLY C 45 5.84 2.70 -0.62
N LYS C 46 6.21 3.86 -1.17
CA LYS C 46 5.52 4.39 -2.34
C LYS C 46 6.38 4.37 -3.60
N ARG C 47 5.84 3.75 -4.65
CA ARG C 47 6.47 3.76 -5.96
C ARG C 47 6.52 5.17 -6.52
N THR C 48 7.71 5.72 -6.63
CA THR C 48 7.89 7.15 -6.88
C THR C 48 8.60 7.43 -8.20
N VAL C 49 8.11 8.41 -8.94
CA VAL C 49 8.76 8.86 -10.16
C VAL C 49 9.06 10.36 -10.10
N ASP C 50 10.30 10.73 -10.40
CA ASP C 50 10.71 12.12 -10.40
C ASP C 50 10.86 12.63 -11.83
N LEU C 51 9.81 13.28 -12.33
CA LEU C 51 9.72 13.68 -13.74
C LEU C 51 10.87 14.58 -14.19
N GLY C 52 11.45 15.32 -13.25
CA GLY C 52 12.61 16.15 -13.54
C GLY C 52 12.33 17.21 -14.59
N GLN C 53 12.91 17.03 -15.77
CA GLN C 53 12.75 17.99 -16.86
C GLN C 53 11.51 17.68 -17.68
N CYS C 54 10.95 16.50 -17.46
CA CYS C 54 9.73 16.08 -18.13
C CYS C 54 8.51 16.72 -17.48
N GLY C 55 7.73 17.47 -18.25
CA GLY C 55 6.46 17.97 -17.78
C GLY C 55 5.45 16.84 -17.74
N LEU C 56 4.52 16.91 -16.79
CA LEU C 56 3.53 15.85 -16.60
C LEU C 56 2.69 15.60 -17.85
N LEU C 57 2.33 16.67 -18.54
CA LEU C 57 1.54 16.56 -19.75
C LEU C 57 2.37 16.02 -20.91
N GLY C 58 3.68 16.16 -20.80
CA GLY C 58 4.59 15.65 -21.81
C GLY C 58 4.59 14.13 -21.85
N THR C 59 4.20 13.50 -20.75
CA THR C 59 4.14 12.04 -20.71
C THR C 59 3.14 11.47 -21.71
N ILE C 60 2.18 12.30 -22.12
CA ILE C 60 1.13 11.85 -23.03
C ILE C 60 1.52 12.05 -24.50
N THR C 61 2.15 13.17 -24.79
CA THR C 61 2.54 13.51 -26.16
C THR C 61 3.91 12.94 -26.50
N GLY C 62 4.83 13.03 -25.55
CA GLY C 62 6.14 12.43 -25.69
C GLY C 62 7.25 13.28 -26.29
N PRO C 63 7.60 14.40 -25.63
CA PRO C 63 8.84 15.08 -26.02
C PRO C 63 10.03 14.21 -25.59
N PRO C 64 11.24 14.52 -26.09
CA PRO C 64 12.40 13.70 -25.69
C PRO C 64 12.62 13.62 -24.18
N GLN C 65 12.29 14.70 -23.45
CA GLN C 65 12.49 14.73 -22.01
C GLN C 65 11.68 13.65 -21.31
N CYS C 66 10.59 13.22 -21.95
CA CYS C 66 9.63 12.34 -21.30
C CYS C 66 9.66 10.92 -21.87
N ASP C 67 10.72 10.60 -22.62
CA ASP C 67 10.82 9.30 -23.28
C ASP C 67 10.82 8.11 -22.32
N GLN C 68 11.30 8.32 -21.09
CA GLN C 68 11.37 7.25 -20.10
C GLN C 68 10.01 7.00 -19.44
N PHE C 69 9.11 7.98 -19.54
CA PHE C 69 7.89 7.96 -18.78
C PHE C 69 6.63 7.80 -19.62
N LEU C 70 6.80 7.39 -20.88
CA LEU C 70 5.67 7.28 -21.81
C LEU C 70 4.61 6.30 -21.33
N GLU C 71 5.05 5.33 -20.53
CA GLU C 71 4.14 4.36 -19.94
C GLU C 71 4.56 4.12 -18.50
N PHE C 72 4.84 5.24 -17.81
CA PHE C 72 5.36 5.18 -16.45
C PHE C 72 4.31 4.70 -15.47
N SER C 73 4.76 4.21 -14.33
CA SER C 73 3.85 3.75 -13.29
C SER C 73 4.35 4.26 -11.94
N ALA C 74 3.44 4.78 -11.13
CA ALA C 74 3.84 5.35 -9.85
C ALA C 74 2.70 5.44 -8.84
N ASP C 75 3.07 5.55 -7.57
CA ASP C 75 2.12 5.81 -6.51
C ASP C 75 2.24 7.29 -6.17
N LEU C 76 3.45 7.81 -6.31
CA LEU C 76 3.75 9.21 -6.01
C LEU C 76 4.47 9.89 -7.18
N ILE C 77 3.89 10.98 -7.68
CA ILE C 77 4.43 11.69 -8.84
C ILE C 77 4.94 13.07 -8.44
N ILE C 78 6.16 13.40 -8.85
CA ILE C 78 6.77 14.68 -8.48
C ILE C 78 7.08 15.55 -9.69
N GLU C 79 6.41 16.70 -9.76
CA GLU C 79 6.70 17.67 -10.81
C GLU C 79 7.87 18.54 -10.36
N ARG C 80 8.69 18.97 -11.32
CA ARG C 80 9.78 19.86 -11.02
C ARG C 80 9.62 21.17 -11.79
N ARG C 81 10.16 22.26 -11.25
CA ARG C 81 10.03 23.58 -11.86
C ARG C 81 10.70 23.61 -13.24
N GLU C 82 11.77 22.81 -13.38
CA GLU C 82 12.50 22.73 -14.63
C GLU C 82 11.74 21.92 -15.67
N GLY C 83 10.72 21.18 -15.22
CA GLY C 83 9.93 20.34 -16.09
C GLY C 83 9.24 21.10 -17.21
N SER C 84 9.13 20.46 -18.37
CA SER C 84 8.46 21.07 -19.52
C SER C 84 7.60 20.06 -20.26
N ASP C 85 6.38 20.48 -20.59
CA ASP C 85 5.42 19.64 -21.29
C ASP C 85 5.71 19.57 -22.79
N VAL C 86 6.67 20.36 -23.24
CA VAL C 86 6.75 20.70 -24.65
C VAL C 86 8.17 20.69 -25.21
N CYS C 87 8.30 20.22 -26.45
CA CYS C 87 9.53 20.42 -27.21
C CYS C 87 9.26 21.49 -28.27
N TYR C 88 8.39 21.19 -29.23
CA TYR C 88 7.91 22.22 -30.13
C TYR C 88 6.97 23.11 -29.35
N PRO C 89 7.26 24.43 -29.31
CA PRO C 89 6.54 25.42 -28.52
C PRO C 89 5.02 25.32 -28.67
N GLY C 90 4.32 25.38 -27.55
CA GLY C 90 2.87 25.29 -27.57
C GLY C 90 2.33 25.05 -26.17
N LYS C 91 1.02 24.82 -26.08
CA LYS C 91 0.39 24.56 -24.79
C LYS C 91 -0.92 23.79 -24.93
N PHE C 92 -1.34 23.14 -23.85
CA PHE C 92 -2.60 22.42 -23.82
C PHE C 92 -3.76 23.35 -23.49
N VAL C 93 -4.93 23.07 -24.06
CA VAL C 93 -6.15 23.73 -23.64
C VAL C 93 -6.69 22.96 -22.43
N ASN C 94 -7.10 23.70 -21.39
CA ASN C 94 -7.52 23.10 -20.12
C ASN C 94 -6.42 22.20 -19.55
N GLU C 95 -5.22 22.75 -19.48
CA GLU C 95 -4.04 22.00 -19.07
C GLU C 95 -4.12 21.51 -17.63
N GLU C 96 -4.53 22.40 -16.72
CA GLU C 96 -4.48 22.12 -15.29
C GLU C 96 -5.42 20.98 -14.91
N ALA C 97 -6.61 20.98 -15.51
CA ALA C 97 -7.58 19.91 -15.31
C ALA C 97 -6.98 18.57 -15.73
N LEU C 98 -6.28 18.58 -16.86
CA LEU C 98 -5.64 17.38 -17.36
C LEU C 98 -4.53 16.92 -16.41
N ARG C 99 -3.83 17.90 -15.84
CA ARG C 99 -2.76 17.61 -14.88
C ARG C 99 -3.32 16.89 -13.65
N GLN C 100 -4.42 17.43 -13.11
CA GLN C 100 -5.03 16.88 -11.91
C GLN C 100 -5.51 15.44 -12.12
N ILE C 101 -5.87 15.12 -13.35
CA ILE C 101 -6.32 13.78 -13.70
C ILE C 101 -5.15 12.81 -13.68
N LEU C 102 -4.04 13.24 -14.27
CA LEU C 102 -2.86 12.39 -14.38
C LEU C 102 -2.17 12.23 -13.02
N ARG C 103 -2.32 13.24 -12.16
CA ARG C 103 -1.72 13.18 -10.83
C ARG C 103 -2.32 12.04 -10.02
N GLU C 104 -3.57 11.69 -10.33
CA GLU C 104 -4.26 10.62 -9.61
C GLU C 104 -4.54 9.44 -10.52
N SER C 105 -3.83 9.37 -11.63
CA SER C 105 -4.03 8.31 -12.60
C SER C 105 -3.36 7.01 -12.19
N GLY C 106 -2.26 7.12 -11.46
CA GLY C 106 -1.47 5.96 -11.11
C GLY C 106 -0.50 5.63 -12.23
N GLY C 107 -0.31 6.58 -13.14
CA GLY C 107 0.53 6.37 -14.31
C GLY C 107 -0.35 6.10 -15.53
N ILE C 108 0.29 5.88 -16.68
CA ILE C 108 -0.46 5.70 -17.91
C ILE C 108 -0.08 4.44 -18.70
N ASP C 109 -1.09 3.86 -19.34
CA ASP C 109 -0.90 2.75 -20.27
C ASP C 109 -1.20 3.21 -21.69
N LYS C 110 -0.25 3.03 -22.60
CA LYS C 110 -0.43 3.48 -23.97
C LYS C 110 -0.90 2.33 -24.88
N GLU C 111 -1.76 2.65 -25.82
CA GLU C 111 -2.23 1.68 -26.79
C GLU C 111 -2.39 2.34 -28.15
N ALA C 112 -1.85 1.71 -29.19
CA ALA C 112 -1.92 2.23 -30.54
C ALA C 112 -3.37 2.42 -30.96
N MET C 113 -3.62 3.48 -31.73
CA MET C 113 -4.97 3.78 -32.18
C MET C 113 -5.17 3.28 -33.60
N GLY C 114 -4.07 2.97 -34.27
CA GLY C 114 -4.12 2.30 -35.55
C GLY C 114 -4.56 3.14 -36.73
N PHE C 115 -3.97 4.31 -36.88
CA PHE C 115 -4.26 5.15 -38.03
C PHE C 115 -3.28 4.87 -39.18
N THR C 116 -3.84 4.72 -40.37
CA THR C 116 -3.06 4.51 -41.59
C THR C 116 -3.35 5.64 -42.57
N TYR C 117 -2.34 6.04 -43.34
CA TYR C 117 -2.48 7.21 -44.20
C TYR C 117 -2.00 6.94 -45.63
N SER C 118 -2.66 7.59 -46.59
CA SER C 118 -2.26 7.47 -48.00
C SER C 118 -2.35 8.82 -48.73
N GLY C 119 -1.30 9.14 -49.49
CA GLY C 119 -1.27 10.39 -50.25
C GLY C 119 -0.86 11.55 -49.38
N ILE C 120 0.11 11.32 -48.50
CA ILE C 120 0.41 12.24 -47.41
C ILE C 120 1.74 11.85 -46.75
N ARG C 121 2.51 12.83 -46.28
CA ARG C 121 3.69 12.56 -45.48
C ARG C 121 3.33 12.46 -43.99
N THR C 122 4.05 11.62 -43.25
CA THR C 122 3.81 11.49 -41.82
C THR C 122 5.07 11.79 -41.01
N ASN C 123 6.17 12.08 -41.70
CA ASN C 123 7.47 12.22 -41.05
C ASN C 123 7.84 13.65 -40.64
N GLY C 124 6.84 14.46 -40.34
CA GLY C 124 7.09 15.82 -39.89
C GLY C 124 7.99 15.89 -38.67
N ALA C 125 9.10 16.60 -38.80
CA ALA C 125 10.07 16.71 -37.71
C ALA C 125 10.55 18.15 -37.51
N THR C 126 11.22 18.39 -36.39
CA THR C 126 11.75 19.72 -36.08
C THR C 126 13.07 19.66 -35.33
N SER C 127 13.78 20.78 -35.34
CA SER C 127 15.04 20.92 -34.61
C SER C 127 14.78 21.06 -33.11
N ALA C 128 13.54 21.40 -32.75
CA ALA C 128 13.19 21.65 -31.36
C ALA C 128 12.99 20.37 -30.58
N CYS C 129 12.71 19.28 -31.29
CA CYS C 129 12.58 17.97 -30.65
C CYS C 129 13.76 17.10 -31.05
N ARG C 130 14.97 17.54 -30.71
CA ARG C 130 16.16 16.80 -31.12
C ARG C 130 16.29 15.48 -30.39
N ARG C 131 16.31 14.40 -31.18
CA ARG C 131 16.51 13.06 -30.69
C ARG C 131 17.46 12.38 -31.66
N SER C 132 18.72 12.26 -31.27
CA SER C 132 19.82 11.97 -32.21
C SER C 132 19.86 13.09 -33.25
N GLY C 133 18.93 13.04 -34.20
CA GLY C 133 18.76 14.12 -35.15
C GLY C 133 17.45 14.83 -34.88
N SER C 134 16.94 15.54 -35.88
CA SER C 134 15.63 16.18 -35.78
C SER C 134 14.52 15.15 -35.61
N SER C 135 13.54 15.46 -34.78
CA SER C 135 12.43 14.52 -34.56
C SER C 135 11.15 15.25 -34.16
N PHE C 136 10.28 14.53 -33.46
CA PHE C 136 8.96 15.06 -33.10
C PHE C 136 8.42 14.35 -31.86
N TYR C 137 7.24 14.76 -31.41
CA TYR C 137 6.57 14.10 -30.30
C TYR C 137 6.39 12.60 -30.57
N ALA C 138 6.83 11.79 -29.61
CA ALA C 138 6.91 10.34 -29.79
C ALA C 138 5.55 9.68 -30.00
N GLU C 139 4.50 10.28 -29.44
CA GLU C 139 3.18 9.68 -29.48
C GLU C 139 2.32 10.26 -30.60
N MET C 140 2.85 11.25 -31.31
CA MET C 140 2.06 11.98 -32.28
C MET C 140 2.63 11.86 -33.70
N LYS C 141 1.83 12.25 -34.68
CA LYS C 141 2.25 12.24 -36.07
C LYS C 141 2.02 13.60 -36.70
N TRP C 142 3.09 14.20 -37.22
CA TRP C 142 3.00 15.47 -37.92
C TRP C 142 2.72 15.19 -39.40
N LEU C 143 1.47 15.40 -39.81
CA LEU C 143 1.04 15.13 -41.17
C LEU C 143 1.26 16.33 -42.09
N LEU C 144 1.85 16.08 -43.26
CA LEU C 144 2.06 17.14 -44.25
C LEU C 144 1.32 16.81 -45.55
N SER C 145 1.60 17.55 -46.62
CA SER C 145 0.83 17.42 -47.85
C SER C 145 1.38 16.30 -48.71
N ASN C 146 2.66 16.42 -49.09
CA ASN C 146 3.41 15.36 -49.77
C ASN C 146 4.72 15.89 -50.34
N THR C 147 4.65 17.05 -50.99
CA THR C 147 5.79 17.61 -51.67
C THR C 147 6.10 19.02 -51.16
N ASP C 148 5.17 19.93 -51.39
CA ASP C 148 5.26 21.35 -51.02
C ASP C 148 4.08 22.07 -51.65
N ASN C 149 3.35 22.83 -50.85
CA ASN C 149 2.18 23.59 -51.33
C ASN C 149 1.08 22.71 -51.89
N ALA C 150 1.29 21.40 -51.86
CA ALA C 150 0.33 20.46 -52.42
C ALA C 150 -0.94 20.46 -51.58
N ALA C 151 -2.05 20.10 -52.19
CA ALA C 151 -3.33 20.13 -51.48
C ALA C 151 -3.36 19.03 -50.45
N PHE C 152 -3.87 19.33 -49.27
CA PHE C 152 -4.01 18.31 -48.25
C PHE C 152 -5.38 17.69 -48.38
N PRO C 153 -5.42 16.39 -48.73
CA PRO C 153 -6.70 15.71 -48.94
C PRO C 153 -7.57 15.72 -47.71
N GLN C 154 -8.87 15.93 -47.89
CA GLN C 154 -9.79 15.83 -46.77
C GLN C 154 -9.76 14.39 -46.27
N MET C 155 -9.65 14.22 -44.96
CA MET C 155 -9.58 12.89 -44.37
C MET C 155 -10.53 12.76 -43.20
N THR C 156 -10.87 11.52 -42.88
CA THR C 156 -11.71 11.22 -41.74
C THR C 156 -11.22 9.95 -41.05
N LYS C 157 -10.72 10.10 -39.83
CA LYS C 157 -10.22 8.96 -39.08
C LYS C 157 -10.98 8.79 -37.78
N SER C 158 -11.33 7.54 -37.45
CA SER C 158 -12.06 7.25 -36.23
C SER C 158 -11.38 6.16 -35.41
N TYR C 159 -11.68 6.13 -34.11
CA TYR C 159 -11.13 5.15 -33.19
C TYR C 159 -12.15 4.84 -32.10
N LYS C 160 -12.42 3.56 -31.88
CA LYS C 160 -13.34 3.15 -30.82
C LYS C 160 -12.58 2.65 -29.61
N ASN C 161 -13.02 3.05 -28.43
CA ASN C 161 -12.42 2.58 -27.19
C ASN C 161 -13.04 1.24 -26.82
N THR C 162 -12.31 0.17 -27.08
CA THR C 162 -12.82 -1.18 -26.90
C THR C 162 -12.53 -1.69 -25.50
N ARG C 163 -12.11 -0.78 -24.62
CA ARG C 163 -11.75 -1.16 -23.26
C ARG C 163 -12.82 -0.78 -22.23
N LYS C 164 -12.55 -1.09 -20.97
CA LYS C 164 -13.50 -0.88 -19.90
C LYS C 164 -13.21 0.41 -19.14
N SER C 165 -12.09 1.04 -19.47
CA SER C 165 -11.69 2.31 -18.88
C SER C 165 -11.81 3.43 -19.91
N PRO C 166 -12.03 4.67 -19.43
CA PRO C 166 -12.08 5.82 -20.34
C PRO C 166 -10.72 6.04 -21.02
N ALA C 167 -10.75 6.49 -22.27
CA ALA C 167 -9.53 6.68 -23.04
C ALA C 167 -9.10 8.14 -23.10
N LEU C 168 -7.80 8.40 -22.90
CA LEU C 168 -7.27 9.74 -22.93
C LEU C 168 -6.76 10.05 -24.33
N ILE C 169 -7.37 11.04 -24.96
CA ILE C 169 -7.11 11.35 -26.36
C ILE C 169 -6.48 12.72 -26.55
N VAL C 170 -5.48 12.83 -27.41
CA VAL C 170 -4.85 14.12 -27.68
C VAL C 170 -4.68 14.36 -29.16
N TRP C 171 -5.00 15.56 -29.60
CA TRP C 171 -4.74 15.96 -30.98
C TRP C 171 -4.20 17.37 -30.96
N GLY C 172 -3.49 17.77 -32.02
CA GLY C 172 -2.86 19.08 -32.02
C GLY C 172 -3.22 19.88 -33.25
N ILE C 173 -3.30 21.19 -33.07
CA ILE C 173 -3.48 22.09 -34.18
C ILE C 173 -2.20 22.89 -34.35
N HIS C 174 -1.69 22.96 -35.57
CA HIS C 174 -0.42 23.63 -35.81
C HIS C 174 -0.66 25.03 -36.34
N HIS C 175 -0.09 26.01 -35.65
CA HIS C 175 -0.18 27.39 -36.07
C HIS C 175 1.16 27.83 -36.65
N SER C 176 1.21 27.95 -37.97
CA SER C 176 2.43 28.30 -38.67
C SER C 176 2.76 29.77 -38.45
N VAL C 177 4.00 30.16 -38.75
CA VAL C 177 4.44 31.53 -38.54
C VAL C 177 3.79 32.48 -39.56
N SER C 178 3.35 31.93 -40.69
CA SER C 178 2.74 32.72 -41.75
C SER C 178 1.79 31.88 -42.58
N THR C 179 0.91 32.54 -43.34
CA THR C 179 0.00 31.83 -44.21
C THR C 179 0.79 31.21 -45.35
N ALA C 180 1.98 31.74 -45.59
CA ALA C 180 2.89 31.17 -46.59
C ALA C 180 3.42 29.83 -46.12
N GLU C 181 3.74 29.74 -44.84
CA GLU C 181 4.26 28.51 -44.28
C GLU C 181 3.17 27.47 -44.16
N GLN C 182 1.98 27.92 -43.78
CA GLN C 182 0.81 27.03 -43.68
C GLN C 182 0.47 26.44 -45.05
N THR C 183 0.58 27.26 -46.09
CA THR C 183 0.31 26.81 -47.45
C THR C 183 1.38 25.83 -47.92
N LYS C 184 2.63 26.10 -47.55
CA LYS C 184 3.75 25.24 -47.92
C LYS C 184 3.59 23.83 -47.38
N LEU C 185 2.95 23.71 -46.23
CA LEU C 185 2.82 22.42 -45.57
C LEU C 185 1.51 21.70 -45.90
N TYR C 186 0.42 22.45 -45.97
CA TYR C 186 -0.89 21.83 -46.07
C TYR C 186 -1.69 22.29 -47.30
N GLY C 187 -1.10 23.20 -48.07
CA GLY C 187 -1.77 23.73 -49.25
C GLY C 187 -2.56 24.99 -48.95
N SER C 188 -3.06 25.65 -49.99
CA SER C 188 -3.78 26.90 -49.85
C SER C 188 -5.16 26.70 -49.23
N GLY C 189 -5.91 27.79 -49.09
CA GLY C 189 -7.28 27.72 -48.61
C GLY C 189 -7.41 27.56 -47.11
N ASN C 190 -8.60 27.84 -46.60
CA ASN C 190 -8.86 27.71 -45.17
C ASN C 190 -8.84 26.25 -44.74
N LYS C 191 -8.39 26.01 -43.52
CA LYS C 191 -8.20 24.66 -43.00
C LYS C 191 -9.15 24.46 -41.83
N LEU C 192 -9.76 23.30 -41.75
CA LEU C 192 -10.71 23.02 -40.67
C LEU C 192 -10.43 21.67 -40.00
N VAL C 193 -10.57 21.61 -38.68
CA VAL C 193 -10.45 20.36 -37.95
C VAL C 193 -11.66 20.17 -37.03
N THR C 194 -12.38 19.08 -37.22
CA THR C 194 -13.56 18.81 -36.41
C THR C 194 -13.39 17.51 -35.62
N VAL C 195 -13.79 17.54 -34.35
CA VAL C 195 -13.65 16.38 -33.47
C VAL C 195 -15.00 16.01 -32.87
N GLY C 196 -15.51 14.85 -33.23
CA GLY C 196 -16.84 14.44 -32.80
C GLY C 196 -16.85 13.19 -31.94
N SER C 197 -17.61 13.26 -30.86
CA SER C 197 -17.74 12.15 -29.91
C SER C 197 -19.21 11.89 -29.65
N SER C 198 -19.52 11.21 -28.54
CA SER C 198 -20.91 10.95 -28.17
C SER C 198 -21.27 11.70 -26.90
N ASN C 199 -20.54 12.78 -26.64
CA ASN C 199 -20.79 13.69 -25.53
C ASN C 199 -19.85 14.88 -25.66
N TYR C 200 -19.25 15.00 -26.84
CA TYR C 200 -18.28 16.05 -27.13
C TYR C 200 -18.37 16.46 -28.59
N GLN C 201 -18.33 17.77 -28.82
CA GLN C 201 -18.32 18.34 -30.17
C GLN C 201 -17.65 19.70 -30.17
N GLN C 202 -16.55 19.79 -30.92
CA GLN C 202 -15.75 21.00 -30.97
C GLN C 202 -15.25 21.19 -32.39
N SER C 203 -14.72 22.37 -32.68
CA SER C 203 -14.13 22.61 -33.99
C SER C 203 -12.90 23.49 -33.88
N PHE C 204 -12.04 23.41 -34.89
CA PHE C 204 -10.76 24.11 -34.84
C PHE C 204 -10.32 24.60 -36.21
N VAL C 205 -9.78 25.81 -36.23
CA VAL C 205 -9.22 26.41 -37.43
C VAL C 205 -7.84 26.90 -37.04
N PRO C 206 -6.86 26.81 -37.95
CA PRO C 206 -5.54 27.29 -37.51
C PRO C 206 -5.40 28.79 -37.69
N SER C 207 -4.49 29.38 -36.93
CA SER C 207 -4.25 30.81 -36.99
C SER C 207 -2.78 31.12 -37.18
N PRO C 208 -2.33 31.06 -38.44
CA PRO C 208 -0.94 31.38 -38.76
C PRO C 208 -0.65 32.86 -38.55
N GLY C 209 0.53 33.19 -38.05
CA GLY C 209 0.88 34.55 -37.76
C GLY C 209 2.19 34.64 -37.00
N ALA C 210 2.83 35.80 -37.04
CA ALA C 210 4.12 35.98 -36.38
C ALA C 210 3.97 35.89 -34.88
N ARG C 211 4.92 35.19 -34.25
CA ARG C 211 4.93 35.00 -32.81
C ARG C 211 6.35 35.10 -32.27
N PRO C 212 6.49 35.36 -30.97
CA PRO C 212 7.84 35.43 -30.39
C PRO C 212 8.60 34.11 -30.55
N GLN C 213 9.91 34.17 -30.79
CA GLN C 213 10.69 32.95 -30.94
C GLN C 213 10.87 32.23 -29.61
N VAL C 214 10.36 31.01 -29.53
CA VAL C 214 10.59 30.13 -28.40
C VAL C 214 11.31 28.89 -28.91
N ASN C 215 12.47 28.59 -28.33
CA ASN C 215 13.36 27.54 -28.81
C ASN C 215 13.77 27.78 -30.26
N GLY C 216 13.83 29.05 -30.64
CA GLY C 216 14.21 29.44 -31.99
C GLY C 216 13.07 29.38 -32.99
N LEU C 217 11.89 29.00 -32.52
CA LEU C 217 10.74 28.83 -33.40
C LEU C 217 9.61 29.80 -33.07
N SER C 218 8.95 30.29 -34.13
CA SER C 218 7.84 31.23 -33.99
C SER C 218 6.51 30.55 -34.27
N GLY C 219 6.56 29.24 -34.48
CA GLY C 219 5.34 28.47 -34.70
C GLY C 219 4.80 27.91 -33.40
N ARG C 220 3.50 27.61 -33.38
CA ARG C 220 2.88 27.04 -32.19
C ARG C 220 1.95 25.87 -32.51
N ILE C 221 2.01 24.87 -31.64
CA ILE C 221 1.06 23.77 -31.64
C ILE C 221 0.26 23.83 -30.36
N ASP C 222 -1.07 23.94 -30.46
CA ASP C 222 -1.87 23.86 -29.24
C ASP C 222 -2.61 22.51 -29.16
N PHE C 223 -2.40 21.82 -28.05
CA PHE C 223 -2.94 20.48 -27.88
C PHE C 223 -4.31 20.51 -27.25
N HIS C 224 -5.18 19.62 -27.71
CA HIS C 224 -6.50 19.49 -27.12
C HIS C 224 -6.71 18.04 -26.72
N TRP C 225 -7.59 17.81 -25.75
CA TRP C 225 -7.77 16.48 -25.20
C TRP C 225 -9.20 16.21 -24.79
N LEU C 226 -9.58 14.94 -24.76
CA LEU C 226 -10.86 14.53 -24.20
C LEU C 226 -10.73 13.15 -23.56
N MET C 227 -11.70 12.77 -22.74
CA MET C 227 -11.77 11.41 -22.23
C MET C 227 -12.83 10.65 -23.00
N LEU C 228 -12.45 9.53 -23.59
CA LEU C 228 -13.37 8.75 -24.41
C LEU C 228 -14.01 7.64 -23.60
N ASN C 229 -15.33 7.63 -23.56
CA ASN C 229 -16.06 6.58 -22.84
C ASN C 229 -15.89 5.22 -23.49
N PRO C 230 -15.98 4.15 -22.68
CA PRO C 230 -15.94 2.77 -23.19
C PRO C 230 -16.92 2.54 -24.32
N ASN C 231 -16.51 1.80 -25.35
CA ASN C 231 -17.35 1.47 -26.49
C ASN C 231 -17.80 2.70 -27.31
N ASP C 232 -17.44 3.89 -26.88
CA ASP C 232 -17.70 5.10 -27.65
C ASP C 232 -16.59 5.31 -28.68
N THR C 233 -16.82 6.21 -29.63
CA THR C 233 -15.88 6.42 -30.73
C THR C 233 -15.61 7.92 -30.92
N VAL C 234 -14.37 8.26 -31.24
CA VAL C 234 -14.03 9.61 -31.68
C VAL C 234 -13.81 9.62 -33.17
N THR C 235 -14.22 10.70 -33.84
CA THR C 235 -13.98 10.85 -35.26
C THR C 235 -13.28 12.16 -35.52
N PHE C 236 -12.24 12.13 -36.36
CA PHE C 236 -11.49 13.33 -36.68
C PHE C 236 -11.70 13.70 -38.14
N SER C 237 -12.20 14.90 -38.38
CA SER C 237 -12.35 15.40 -39.73
C SER C 237 -11.47 16.64 -39.87
N PHE C 238 -10.59 16.62 -40.85
CA PHE C 238 -9.54 17.63 -40.97
C PHE C 238 -9.00 17.69 -42.39
N ASN C 239 -8.24 18.75 -42.67
CA ASN C 239 -7.69 18.96 -44.00
C ASN C 239 -6.34 19.67 -43.95
N GLY C 240 -5.67 19.59 -42.80
CA GLY C 240 -4.36 20.18 -42.63
C GLY C 240 -4.14 20.75 -41.24
N ALA C 241 -2.90 21.15 -40.96
CA ALA C 241 -2.53 21.75 -39.69
C ALA C 241 -2.91 20.90 -38.49
N PHE C 242 -3.06 19.60 -38.71
CA PHE C 242 -3.54 18.66 -37.70
C PHE C 242 -2.44 17.75 -37.23
N ILE C 243 -2.22 17.72 -35.91
CA ILE C 243 -1.27 16.79 -35.33
C ILE C 243 -2.03 15.59 -34.79
N ALA C 244 -1.89 14.47 -35.49
CA ALA C 244 -2.68 13.28 -35.19
C ALA C 244 -2.03 12.46 -34.10
N PRO C 245 -2.84 11.84 -33.24
CA PRO C 245 -2.31 10.93 -32.24
C PRO C 245 -2.00 9.57 -32.85
N ASP C 246 -0.99 8.88 -32.33
CA ASP C 246 -0.66 7.54 -32.80
C ASP C 246 -1.16 6.52 -31.77
N ARG C 247 -1.12 6.90 -30.51
CA ARG C 247 -1.53 6.03 -29.41
C ARG C 247 -2.45 6.75 -28.42
N ALA C 248 -3.32 5.98 -27.77
CA ALA C 248 -4.18 6.53 -26.72
C ALA C 248 -3.59 6.20 -25.35
N SER C 249 -4.07 6.90 -24.31
CA SER C 249 -3.54 6.68 -22.97
C SER C 249 -4.63 6.19 -22.04
N PHE C 250 -4.26 5.28 -21.15
CA PHE C 250 -5.19 4.76 -20.15
C PHE C 250 -4.61 4.88 -18.75
N LEU C 251 -5.44 5.30 -17.81
CA LEU C 251 -5.00 5.51 -16.44
C LEU C 251 -4.79 4.15 -15.78
N ARG C 252 -3.68 4.01 -15.06
CA ARG C 252 -3.34 2.72 -14.46
C ARG C 252 -4.21 2.42 -13.24
N GLY C 253 -4.31 3.39 -12.34
CA GLY C 253 -5.09 3.20 -11.13
C GLY C 253 -5.27 4.46 -10.30
N LYS C 254 -4.54 4.53 -9.20
CA LYS C 254 -4.64 5.63 -8.24
C LYS C 254 -3.26 6.09 -7.81
N SER C 255 -3.08 7.41 -7.69
CA SER C 255 -1.81 7.98 -7.24
C SER C 255 -1.99 9.39 -6.70
N MET C 256 -0.87 10.03 -6.35
CA MET C 256 -0.88 11.42 -5.92
C MET C 256 0.33 12.17 -6.48
N GLY C 257 0.09 13.40 -6.93
CA GLY C 257 1.14 14.22 -7.51
C GLY C 257 1.45 15.46 -6.70
N ILE C 258 2.72 15.84 -6.66
CA ILE C 258 3.13 17.05 -5.96
C ILE C 258 4.08 17.93 -6.77
N GLN C 259 4.23 19.18 -6.34
CA GLN C 259 5.24 20.08 -6.85
C GLN C 259 6.26 20.33 -5.75
N SER C 260 7.53 20.09 -6.02
CA SER C 260 8.54 20.20 -4.99
C SER C 260 9.87 20.71 -5.52
N GLY C 261 10.70 21.22 -4.61
CA GLY C 261 12.03 21.67 -4.96
C GLY C 261 13.07 21.06 -4.03
N VAL C 262 12.76 19.89 -3.47
CA VAL C 262 13.70 19.20 -2.60
C VAL C 262 13.89 17.75 -3.05
N GLN C 263 14.97 17.12 -2.58
CA GLN C 263 15.34 15.77 -3.00
C GLN C 263 14.36 14.70 -2.52
N VAL C 264 14.58 13.48 -3.00
CA VAL C 264 13.74 12.34 -2.65
C VAL C 264 14.44 11.48 -1.60
N ASP C 265 13.64 10.80 -0.78
CA ASP C 265 14.15 9.87 0.23
C ASP C 265 13.26 8.65 0.25
N ALA C 266 13.86 7.47 0.07
CA ALA C 266 13.09 6.23 0.02
C ALA C 266 13.23 5.49 1.33
N ASN C 267 13.76 6.19 2.33
CA ASN C 267 13.93 5.63 3.66
C ASN C 267 12.84 6.14 4.60
N CYS C 268 12.65 7.45 4.62
CA CYS C 268 11.55 8.06 5.35
C CYS C 268 10.17 7.68 4.77
N GLU C 269 9.21 7.43 5.65
CA GLU C 269 7.83 7.18 5.23
C GLU C 269 6.93 8.35 5.59
N GLY C 270 6.30 8.96 4.58
CA GLY C 270 5.44 10.11 4.82
C GLY C 270 4.09 9.99 4.16
N ASP C 271 3.20 10.92 4.47
CA ASP C 271 1.84 10.91 3.93
C ASP C 271 1.27 12.33 3.82
N CYS C 272 2.09 13.32 4.14
CA CYS C 272 1.71 14.72 3.97
C CYS C 272 2.87 15.49 3.37
N TYR C 273 2.66 16.08 2.19
CA TYR C 273 3.76 16.70 1.46
C TYR C 273 3.53 18.17 1.12
N HIS C 274 4.62 18.89 0.92
CA HIS C 274 4.59 20.25 0.38
C HIS C 274 5.87 20.52 -0.41
N SER C 275 5.94 21.69 -1.04
CA SER C 275 7.06 22.03 -1.90
C SER C 275 8.40 22.11 -1.16
N GLY C 276 8.34 22.26 0.16
CA GLY C 276 9.53 22.41 0.96
C GLY C 276 9.93 21.11 1.65
N GLY C 277 9.11 20.07 1.47
CA GLY C 277 9.45 18.75 2.00
C GLY C 277 8.26 17.95 2.47
N THR C 278 8.49 17.15 3.52
CA THR C 278 7.47 16.25 4.06
C THR C 278 7.16 16.61 5.51
N ILE C 279 5.88 16.60 5.88
CA ILE C 279 5.47 16.84 7.25
C ILE C 279 4.99 15.56 7.94
N ILE C 280 5.76 15.08 8.91
CA ILE C 280 5.36 13.91 9.70
C ILE C 280 5.09 14.30 11.15
N SER C 281 3.84 14.15 11.58
CA SER C 281 3.43 14.61 12.89
C SER C 281 2.09 14.02 13.31
N ASN C 282 1.92 13.76 14.61
CA ASN C 282 0.65 13.30 15.14
C ASN C 282 -0.18 14.48 15.61
N LEU C 283 0.41 15.67 15.51
CA LEU C 283 -0.25 16.88 15.97
C LEU C 283 -1.43 17.21 15.05
N PRO C 284 -2.50 17.77 15.63
CA PRO C 284 -3.71 18.08 14.88
C PRO C 284 -3.53 19.25 13.93
N PHE C 285 -2.59 20.14 14.22
CA PHE C 285 -2.41 21.34 13.42
C PHE C 285 -0.97 21.56 12.98
N GLN C 286 -0.78 22.43 11.99
CA GLN C 286 0.55 22.76 11.46
C GLN C 286 0.56 24.18 10.91
N ASN C 287 1.74 24.80 10.89
CA ASN C 287 1.86 26.18 10.41
C ASN C 287 2.97 26.30 9.36
N ILE C 288 3.22 25.20 8.64
CA ILE C 288 4.30 25.17 7.67
C ILE C 288 3.85 25.60 6.28
N ASP C 289 2.80 24.99 5.75
CA ASP C 289 2.32 25.33 4.42
C ASP C 289 0.82 25.07 4.30
N SER C 290 0.08 26.10 3.90
CA SER C 290 -1.37 26.02 3.80
C SER C 290 -1.84 25.17 2.63
N ARG C 291 -0.97 24.97 1.64
CA ARG C 291 -1.33 24.23 0.44
C ARG C 291 -0.82 22.78 0.50
N ALA C 292 -0.41 22.35 1.69
CA ALA C 292 0.07 20.99 1.88
C ALA C 292 -1.01 19.98 1.47
N VAL C 293 -0.58 18.88 0.85
CA VAL C 293 -1.53 17.89 0.34
C VAL C 293 -1.27 16.49 0.88
N GLY C 294 -2.25 15.61 0.75
CA GLY C 294 -2.17 14.27 1.31
C GLY C 294 -2.99 14.18 2.59
N LYS C 295 -2.56 13.33 3.52
CA LYS C 295 -3.24 13.22 4.80
C LYS C 295 -2.48 14.06 5.81
N CYS C 296 -3.01 15.25 6.08
CA CYS C 296 -2.25 16.28 6.80
C CYS C 296 -3.00 16.83 8.01
N PRO C 297 -2.24 17.36 8.98
CA PRO C 297 -2.85 18.16 10.03
C PRO C 297 -3.42 19.44 9.42
N ARG C 298 -4.47 20.00 10.02
CA ARG C 298 -5.09 21.18 9.44
C ARG C 298 -4.15 22.36 9.62
N TYR C 299 -4.02 23.18 8.58
CA TYR C 299 -3.16 24.34 8.66
C TYR C 299 -3.83 25.43 9.48
N VAL C 300 -3.06 26.09 10.35
CA VAL C 300 -3.58 27.22 11.12
C VAL C 300 -2.62 28.40 11.03
N LYS C 301 -3.11 29.59 11.35
CA LYS C 301 -2.33 30.82 11.27
C LYS C 301 -1.21 30.87 12.30
N GLN C 302 -1.47 30.30 13.48
CA GLN C 302 -0.57 30.44 14.62
C GLN C 302 0.61 29.48 14.52
N ARG C 303 1.78 29.95 14.97
CA ARG C 303 2.99 29.13 14.95
C ARG C 303 3.05 28.23 16.18
N SER C 304 2.29 28.61 17.21
CA SER C 304 2.32 27.87 18.47
C SER C 304 0.99 27.91 19.22
N LEU C 305 0.50 26.74 19.61
CA LEU C 305 -0.66 26.63 20.48
C LEU C 305 -0.41 25.54 21.53
N LEU C 306 -0.08 25.97 22.75
CA LEU C 306 0.33 25.04 23.80
C LEU C 306 -0.83 24.41 24.56
N LEU C 307 -0.79 23.09 24.70
CA LEU C 307 -1.83 22.37 25.44
C LEU C 307 -1.31 21.96 26.80
N ALA C 308 -1.97 22.45 27.86
CA ALA C 308 -1.58 22.10 29.22
C ALA C 308 -1.69 20.60 29.46
N THR C 309 -0.59 19.99 29.91
CA THR C 309 -0.59 18.57 30.24
C THR C 309 -0.41 18.37 31.75
N GLY C 310 -0.60 19.45 32.50
CA GLY C 310 -0.48 19.41 33.95
C GLY C 310 -1.33 20.47 34.62
N MET C 311 -1.45 20.37 35.93
CA MET C 311 -2.29 21.30 36.70
C MET C 311 -1.69 22.70 36.72
N LYS C 312 -2.47 23.64 37.23
CA LYS C 312 -1.99 25.02 37.37
C LYS C 312 -0.78 25.03 38.30
N ASN C 313 0.29 25.69 37.88
CA ASN C 313 1.51 25.72 38.67
C ASN C 313 1.46 26.83 39.72
N VAL C 314 1.54 26.43 40.99
CA VAL C 314 1.50 27.38 42.09
C VAL C 314 2.76 27.24 42.94
N PRO C 315 3.66 28.24 42.87
CA PRO C 315 4.95 28.17 43.57
C PRO C 315 4.79 28.09 45.09
N GLU C 316 5.63 27.29 45.72
CA GLU C 316 5.56 27.09 47.17
C GLU C 316 6.02 28.36 47.89
N ILE C 317 5.36 28.69 48.99
CA ILE C 317 5.72 29.88 49.76
C ILE C 317 7.03 29.67 50.51
N PRO C 318 8.07 30.42 50.13
CA PRO C 318 9.43 30.25 50.64
C PRO C 318 9.66 30.97 51.97
N GLY D 4 8.33 26.93 61.55
CA GLY D 4 8.50 25.59 61.02
C GLY D 4 7.18 24.88 60.81
N ALA D 5 6.15 25.63 60.45
CA ALA D 5 4.83 25.06 60.23
C ALA D 5 4.75 24.47 58.84
N ILE D 6 3.86 23.51 58.65
CA ILE D 6 3.60 22.97 57.33
C ILE D 6 2.24 23.42 56.84
N ALA D 7 2.06 23.43 55.52
CA ALA D 7 0.80 23.86 54.93
C ALA D 7 0.48 23.00 53.71
N GLY D 8 -0.81 22.90 53.40
CA GLY D 8 -1.24 22.14 52.23
C GLY D 8 -1.69 23.06 51.12
N PHE D 9 -2.52 22.55 50.22
CA PHE D 9 -3.10 23.36 49.15
C PHE D 9 -3.92 24.51 49.74
N ILE D 10 -4.32 25.44 48.88
CA ILE D 10 -4.84 26.77 49.24
C ILE D 10 -3.64 27.65 49.55
N GLU D 11 -3.29 28.48 48.58
CA GLU D 11 -2.04 29.27 48.60
C GLU D 11 -0.82 28.39 48.85
N ASN D 12 -0.37 27.75 47.76
CA ASN D 12 0.94 27.09 47.53
C ASN D 12 0.83 25.58 47.28
N GLY D 13 1.70 25.11 46.40
CA GLY D 13 1.89 23.68 46.14
C GLY D 13 3.21 23.27 46.75
N TRP D 14 3.64 22.05 46.48
CA TRP D 14 4.88 21.54 47.06
C TRP D 14 5.91 21.22 45.99
N GLU D 15 6.98 22.00 45.94
CA GLU D 15 8.03 21.78 44.95
C GLU D 15 8.95 20.63 45.36
N GLY D 16 8.67 20.05 46.52
CA GLY D 16 9.41 18.90 47.01
C GLY D 16 8.67 17.62 46.65
N LEU D 17 7.37 17.76 46.38
CA LEU D 17 6.57 16.62 45.92
C LEU D 17 6.95 16.27 44.50
N ILE D 18 7.89 15.33 44.36
CA ILE D 18 8.46 15.02 43.05
C ILE D 18 8.18 13.60 42.57
N ASP D 19 7.39 12.85 43.33
CA ASP D 19 7.05 11.48 42.95
C ASP D 19 5.56 11.33 42.69
N GLY D 20 4.86 12.45 42.65
CA GLY D 20 3.43 12.45 42.42
C GLY D 20 2.85 13.83 42.22
N TRP D 21 1.59 13.87 41.78
CA TRP D 21 0.89 15.13 41.57
C TRP D 21 0.24 15.58 42.86
N TYR D 22 -0.35 14.63 43.58
CA TYR D 22 -0.99 14.88 44.86
C TYR D 22 -0.31 14.08 45.95
N GLY D 23 -0.32 14.59 47.18
CA GLY D 23 0.36 13.91 48.26
C GLY D 23 0.03 14.31 49.68
N PHE D 24 0.68 13.64 50.63
CA PHE D 24 0.48 13.89 52.05
C PHE D 24 1.71 14.54 52.66
N ARG D 25 1.51 15.46 53.59
CA ARG D 25 2.61 16.00 54.37
C ARG D 25 2.21 16.09 55.84
N HIS D 26 2.96 15.39 56.69
CA HIS D 26 2.59 15.26 58.10
C HIS D 26 3.69 15.80 59.00
N GLN D 27 3.32 16.09 60.25
CA GLN D 27 4.30 16.35 61.29
C GLN D 27 3.84 15.79 62.63
N ASN D 28 4.71 15.02 63.26
CA ASN D 28 4.45 14.43 64.56
C ASN D 28 5.72 14.45 65.41
N ALA D 29 5.73 13.71 66.50
CA ALA D 29 6.92 13.60 67.34
C ALA D 29 8.10 13.03 66.56
N GLN D 30 7.80 12.21 65.56
CA GLN D 30 8.83 11.59 64.74
C GLN D 30 9.45 12.59 63.77
N GLY D 31 8.81 13.74 63.62
CA GLY D 31 9.30 14.77 62.71
C GLY D 31 8.34 15.04 61.57
N GLU D 32 8.91 15.45 60.43
CA GLU D 32 8.12 15.82 59.26
C GLU D 32 8.38 14.88 58.09
N GLY D 33 7.35 14.64 57.27
CA GLY D 33 7.47 13.76 56.12
C GLY D 33 6.50 14.11 55.00
N THR D 34 6.81 13.66 53.79
CA THR D 34 5.96 13.91 52.64
C THR D 34 5.90 12.68 51.71
N ALA D 35 4.68 12.27 51.36
CA ALA D 35 4.49 11.11 50.48
C ALA D 35 3.35 11.36 49.50
N ALA D 36 3.45 10.78 48.31
CA ALA D 36 2.46 10.99 47.26
C ALA D 36 1.33 9.96 47.28
N ASP D 37 0.12 10.40 46.96
CA ASP D 37 -1.02 9.50 46.82
C ASP D 37 -1.15 9.03 45.38
N TYR D 38 -1.25 7.72 45.20
CA TYR D 38 -1.22 7.12 43.87
C TYR D 38 -2.53 7.29 43.11
N LYS D 39 -3.64 6.89 43.73
CA LYS D 39 -4.94 6.85 43.07
C LYS D 39 -5.36 8.21 42.53
N SER D 40 -5.10 9.27 43.29
CA SER D 40 -5.44 10.63 42.87
C SER D 40 -4.53 11.09 41.74
N THR D 41 -3.24 10.77 41.87
CA THR D 41 -2.25 11.12 40.85
C THR D 41 -2.53 10.39 39.55
N GLN D 42 -2.83 9.10 39.66
CA GLN D 42 -3.06 8.28 38.48
C GLN D 42 -4.34 8.68 37.77
N SER D 43 -5.36 9.02 38.56
CA SER D 43 -6.65 9.46 38.00
C SER D 43 -6.50 10.69 37.11
N ALA D 44 -5.75 11.68 37.58
CA ALA D 44 -5.51 12.90 36.81
C ALA D 44 -4.69 12.61 35.57
N ILE D 45 -3.65 11.80 35.73
CA ILE D 45 -2.78 11.41 34.61
C ILE D 45 -3.55 10.64 33.54
N ASP D 46 -4.43 9.74 33.96
CA ASP D 46 -5.23 8.97 33.01
C ASP D 46 -6.18 9.88 32.21
N GLN D 47 -6.66 10.93 32.86
CA GLN D 47 -7.56 11.88 32.20
C GLN D 47 -6.79 12.76 31.22
N ILE D 48 -5.60 13.19 31.62
CA ILE D 48 -4.78 14.05 30.79
C ILE D 48 -4.23 13.28 29.59
N THR D 49 -3.73 12.07 29.84
CA THR D 49 -3.28 11.21 28.75
C THR D 49 -4.45 10.86 27.85
N GLY D 50 -5.64 10.82 28.44
CA GLY D 50 -6.87 10.60 27.68
C GLY D 50 -7.15 11.69 26.67
N LYS D 51 -6.85 12.94 27.03
CA LYS D 51 -7.03 14.07 26.12
C LYS D 51 -6.09 13.97 24.92
N LEU D 52 -4.83 13.64 25.21
CA LEU D 52 -3.80 13.57 24.17
C LEU D 52 -4.11 12.54 23.08
N ASN D 53 -4.53 11.35 23.50
CA ASN D 53 -4.85 10.28 22.56
C ASN D 53 -5.99 10.68 21.61
N ARG D 54 -6.99 11.36 22.15
CA ARG D 54 -8.12 11.84 21.37
C ARG D 54 -7.68 12.83 20.30
N LEU D 55 -6.64 13.60 20.64
CA LEU D 55 -6.13 14.63 19.74
C LEU D 55 -5.04 14.08 18.82
N ILE D 56 -4.72 12.79 19.00
CA ILE D 56 -3.71 12.11 18.20
C ILE D 56 -4.40 11.31 17.09
N GLU D 57 -5.67 10.98 17.34
CA GLU D 57 -6.51 10.25 16.39
C GLU D 57 -6.51 10.91 15.01
N LYS D 58 -5.72 10.36 14.09
CA LYS D 58 -5.52 10.96 12.78
C LYS D 58 -6.72 10.85 11.85
N THR D 59 -6.77 11.75 10.88
CA THR D 59 -7.81 11.75 9.86
C THR D 59 -7.35 10.91 8.67
N ASN D 60 -8.29 10.22 8.05
CA ASN D 60 -8.00 9.42 6.86
C ASN D 60 -8.31 10.17 5.57
N GLN D 61 -8.73 11.43 5.70
CA GLN D 61 -9.03 12.24 4.54
C GLN D 61 -7.79 12.74 3.84
N GLN D 62 -7.62 12.34 2.58
CA GLN D 62 -6.50 12.79 1.78
C GLN D 62 -6.95 13.90 0.82
N PHE D 63 -6.13 14.94 0.70
CA PHE D 63 -6.43 16.05 -0.21
C PHE D 63 -5.33 16.16 -1.26
N GLU D 64 -5.71 16.61 -2.45
CA GLU D 64 -4.75 16.74 -3.54
C GLU D 64 -4.62 18.18 -4.00
N LEU D 65 -3.63 18.42 -4.85
CA LEU D 65 -3.37 19.75 -5.37
C LEU D 65 -4.59 20.25 -6.14
N ILE D 66 -4.94 21.52 -5.93
CA ILE D 66 -6.10 22.08 -6.58
C ILE D 66 -5.70 23.32 -7.39
N ASP D 67 -4.49 23.80 -7.13
CA ASP D 67 -3.90 24.86 -7.94
C ASP D 67 -2.44 24.55 -8.24
N ASN D 68 -1.69 25.56 -8.65
CA ASN D 68 -0.35 25.35 -9.16
C ASN D 68 0.57 26.51 -8.78
N GLU D 69 1.73 26.20 -8.20
CA GLU D 69 2.67 27.23 -7.79
C GLU D 69 3.82 27.38 -8.80
N PHE D 70 3.77 26.60 -9.87
CA PHE D 70 4.67 26.76 -11.00
C PHE D 70 3.98 27.49 -12.15
N ASN D 71 2.85 26.93 -12.59
CA ASN D 71 2.03 27.54 -13.62
C ASN D 71 0.72 28.05 -13.02
N GLU D 72 0.72 29.30 -12.58
CA GLU D 72 -0.44 29.86 -11.88
C GLU D 72 -1.71 29.68 -12.69
N VAL D 73 -2.77 29.22 -12.02
CA VAL D 73 -4.05 28.96 -12.67
C VAL D 73 -4.73 30.24 -13.11
N GLU D 74 -5.87 30.09 -13.79
CA GLU D 74 -6.63 31.24 -14.27
C GLU D 74 -7.04 32.11 -13.08
N LYS D 75 -7.04 33.42 -13.29
CA LYS D 75 -7.26 34.40 -12.21
C LYS D 75 -8.56 34.20 -11.42
N GLN D 76 -9.68 34.14 -12.14
CA GLN D 76 -10.99 34.07 -11.50
C GLN D 76 -11.12 32.81 -10.64
N ILE D 77 -10.85 31.65 -11.24
CA ILE D 77 -10.95 30.40 -10.52
C ILE D 77 -9.86 30.36 -9.44
N GLY D 78 -8.74 31.03 -9.68
CA GLY D 78 -7.66 31.06 -8.73
C GLY D 78 -7.99 31.86 -7.49
N ASN D 79 -8.63 33.02 -7.70
CA ASN D 79 -9.05 33.86 -6.59
C ASN D 79 -10.16 33.19 -5.78
N VAL D 80 -11.02 32.44 -6.46
CA VAL D 80 -12.07 31.68 -5.79
C VAL D 80 -11.46 30.66 -4.84
N ILE D 81 -10.46 29.94 -5.34
CA ILE D 81 -9.75 28.93 -4.54
C ILE D 81 -9.11 29.53 -3.29
N ASN D 82 -8.36 30.61 -3.46
CA ASN D 82 -7.72 31.30 -2.34
C ASN D 82 -8.73 31.79 -1.32
N TRP D 83 -9.79 32.41 -1.81
CA TRP D 83 -10.89 32.89 -0.98
C TRP D 83 -11.51 31.75 -0.18
N THR D 84 -11.65 30.59 -0.81
CA THR D 84 -12.19 29.42 -0.14
C THR D 84 -11.19 28.86 0.87
N ARG D 85 -9.93 28.75 0.47
CA ARG D 85 -8.89 28.21 1.35
C ARG D 85 -8.64 29.10 2.57
N ASP D 86 -8.54 30.40 2.33
CA ASP D 86 -8.29 31.36 3.40
C ASP D 86 -9.46 31.40 4.39
N SER D 87 -10.66 31.16 3.89
CA SER D 87 -11.84 31.12 4.75
C SER D 87 -11.80 29.89 5.63
N ILE D 88 -11.32 28.78 5.06
CA ILE D 88 -11.22 27.51 5.77
C ILE D 88 -10.08 27.57 6.80
N THR D 89 -9.01 28.28 6.47
CA THR D 89 -7.90 28.45 7.39
C THR D 89 -8.35 29.24 8.62
N GLU D 90 -9.20 30.25 8.39
CA GLU D 90 -9.80 31.01 9.47
C GLU D 90 -10.60 30.12 10.41
N VAL D 91 -11.29 29.14 9.83
CA VAL D 91 -12.11 28.20 10.59
C VAL D 91 -11.27 27.30 11.49
N TRP D 92 -10.23 26.70 10.94
CA TRP D 92 -9.37 25.80 11.71
C TRP D 92 -8.52 26.56 12.73
N SER D 93 -8.09 27.77 12.38
CA SER D 93 -7.36 28.61 13.32
C SER D 93 -8.24 28.93 14.52
N TYR D 94 -9.52 29.23 14.27
CA TYR D 94 -10.47 29.45 15.34
C TYR D 94 -10.70 28.20 16.17
N ASN D 95 -11.01 27.10 15.48
CA ASN D 95 -11.24 25.82 16.15
C ASN D 95 -10.07 25.40 17.02
N ALA D 96 -8.86 25.48 16.47
CA ALA D 96 -7.65 25.14 17.21
C ALA D 96 -7.52 25.98 18.47
N GLU D 97 -7.68 27.29 18.30
CA GLU D 97 -7.61 28.24 19.41
C GLU D 97 -8.63 27.95 20.50
N LEU D 98 -9.87 27.73 20.08
CA LEU D 98 -10.96 27.47 21.02
C LEU D 98 -10.79 26.11 21.69
N LEU D 99 -10.46 25.09 20.90
CA LEU D 99 -10.24 23.74 21.43
C LEU D 99 -9.21 23.71 22.56
N VAL D 100 -8.04 24.29 22.30
CA VAL D 100 -6.97 24.33 23.29
C VAL D 100 -7.38 25.11 24.52
N ALA D 101 -7.95 26.29 24.31
CA ALA D 101 -8.40 27.14 25.40
C ALA D 101 -9.43 26.39 26.25
N MET D 102 -10.30 25.64 25.59
CA MET D 102 -11.34 24.87 26.27
C MET D 102 -10.77 23.71 27.07
N GLU D 103 -9.94 22.89 26.43
CA GLU D 103 -9.35 21.72 27.10
C GLU D 103 -8.51 22.12 28.30
N ASN D 104 -7.76 23.21 28.17
CA ASN D 104 -6.91 23.70 29.24
C ASN D 104 -7.73 24.13 30.47
N GLN D 105 -8.85 24.80 30.23
CA GLN D 105 -9.75 25.19 31.30
C GLN D 105 -10.31 23.96 32.02
N HIS D 106 -10.66 22.95 31.23
CA HIS D 106 -11.19 21.69 31.77
C HIS D 106 -10.09 20.94 32.51
N THR D 107 -8.89 20.92 31.94
CA THR D 107 -7.74 20.26 32.54
C THR D 107 -7.46 20.85 33.91
N ILE D 108 -7.46 22.18 33.97
CA ILE D 108 -7.23 22.92 35.21
C ILE D 108 -8.30 22.61 36.25
N ASP D 109 -9.56 22.67 35.83
CA ASP D 109 -10.68 22.46 36.74
C ASP D 109 -10.74 21.03 37.31
N LEU D 110 -10.50 20.04 36.46
CA LEU D 110 -10.56 18.65 36.91
C LEU D 110 -9.39 18.33 37.83
N ALA D 111 -8.28 19.06 37.65
CA ALA D 111 -7.12 18.89 38.49
C ALA D 111 -7.44 19.43 39.88
N ASP D 112 -8.11 20.58 39.92
CA ASP D 112 -8.59 21.14 41.18
C ASP D 112 -9.63 20.22 41.82
N SER D 113 -10.44 19.57 40.98
CA SER D 113 -11.47 18.67 41.44
C SER D 113 -10.86 17.51 42.23
N GLU D 114 -9.82 16.90 41.67
CA GLU D 114 -9.13 15.79 42.31
C GLU D 114 -8.55 16.20 43.67
N MET D 115 -8.05 17.43 43.75
CA MET D 115 -7.50 17.94 44.99
C MET D 115 -8.57 18.02 46.08
N ASP D 116 -9.73 18.55 45.72
CA ASP D 116 -10.86 18.61 46.63
C ASP D 116 -11.31 17.22 47.07
N LYS D 117 -11.43 16.29 46.12
CA LYS D 117 -11.85 14.92 46.41
C LYS D 117 -10.88 14.22 47.35
N LEU D 118 -9.59 14.50 47.19
CA LEU D 118 -8.58 13.91 48.07
C LEU D 118 -8.72 14.48 49.47
N TYR D 119 -8.92 15.79 49.55
CA TYR D 119 -9.10 16.49 50.81
C TYR D 119 -10.38 16.03 51.52
N GLU D 120 -11.46 15.91 50.76
CA GLU D 120 -12.75 15.52 51.32
C GLU D 120 -12.72 14.06 51.78
N ARG D 121 -11.92 13.23 51.10
CA ARG D 121 -11.79 11.82 51.45
C ARG D 121 -11.18 11.67 52.84
N VAL D 122 -10.05 12.35 53.05
CA VAL D 122 -9.34 12.31 54.33
C VAL D 122 -10.20 12.83 55.48
N LYS D 123 -10.91 13.92 55.22
CA LYS D 123 -11.80 14.51 56.20
C LYS D 123 -12.86 13.50 56.66
N ARG D 124 -13.31 12.67 55.72
CA ARG D 124 -14.28 11.62 56.02
C ARG D 124 -13.62 10.44 56.74
N GLN D 125 -12.31 10.31 56.58
CA GLN D 125 -11.55 9.28 57.30
C GLN D 125 -11.40 9.66 58.76
N LEU D 126 -11.11 10.94 59.00
CA LEU D 126 -10.76 11.43 60.33
C LEU D 126 -11.99 11.65 61.21
N ARG D 127 -13.17 11.67 60.60
CA ARG D 127 -14.44 11.78 61.31
C ARG D 127 -14.47 12.97 62.28
N GLU D 128 -14.58 12.67 63.57
CA GLU D 128 -14.66 13.69 64.60
C GLU D 128 -13.35 13.84 65.36
N ASN D 129 -12.28 13.27 64.81
CA ASN D 129 -10.98 13.25 65.47
C ASN D 129 -10.00 14.33 65.02
N ALA D 130 -10.45 15.23 64.14
CA ALA D 130 -9.59 16.30 63.62
C ALA D 130 -10.38 17.53 63.22
N GLU D 131 -9.67 18.65 63.02
CA GLU D 131 -10.31 19.89 62.58
C GLU D 131 -9.51 20.59 61.48
N GLU D 132 -10.21 21.27 60.58
CA GLU D 132 -9.58 21.96 59.48
C GLU D 132 -8.90 23.24 59.97
N ASP D 133 -7.66 23.46 59.53
CA ASP D 133 -6.89 24.62 59.96
C ASP D 133 -7.02 25.80 58.98
N GLY D 134 -7.62 25.55 57.82
CA GLY D 134 -7.85 26.60 56.85
C GLY D 134 -6.71 26.76 55.86
N THR D 135 -5.72 25.89 55.95
CA THR D 135 -4.62 25.88 55.00
C THR D 135 -4.57 24.56 54.24
N GLY D 136 -5.63 23.78 54.38
CA GLY D 136 -5.75 22.51 53.68
C GLY D 136 -5.22 21.37 54.52
N CYS D 137 -4.95 21.66 55.79
CA CYS D 137 -4.37 20.68 56.69
C CYS D 137 -5.35 20.27 57.78
N PHE D 138 -5.00 19.20 58.51
CA PHE D 138 -5.84 18.74 59.61
C PHE D 138 -5.06 18.70 60.91
N GLU D 139 -5.59 19.40 61.91
CA GLU D 139 -5.06 19.32 63.26
C GLU D 139 -5.60 18.05 63.90
N ILE D 140 -4.72 17.09 64.16
CA ILE D 140 -5.11 15.81 64.75
C ILE D 140 -5.04 15.87 66.27
N PHE D 141 -6.18 15.63 66.92
CA PHE D 141 -6.29 15.80 68.36
C PHE D 141 -5.96 14.52 69.14
N HIS D 142 -5.07 13.70 68.58
CA HIS D 142 -4.52 12.57 69.31
C HIS D 142 -3.11 12.29 68.82
N LYS D 143 -2.40 11.40 69.50
CA LYS D 143 -1.05 11.05 69.09
C LYS D 143 -1.07 10.17 67.84
N CYS D 144 -0.42 10.65 66.79
CA CYS D 144 -0.37 9.93 65.52
C CYS D 144 1.06 9.76 65.06
N ASP D 145 1.67 8.62 65.38
CA ASP D 145 3.03 8.32 64.96
C ASP D 145 3.08 8.03 63.46
N ASP D 146 4.25 7.61 62.98
CA ASP D 146 4.46 7.35 61.56
C ASP D 146 3.53 6.24 61.07
N ASP D 147 3.31 5.24 61.92
CA ASP D 147 2.43 4.13 61.56
C ASP D 147 0.97 4.58 61.49
N CYS D 148 0.59 5.50 62.39
CA CYS D 148 -0.76 6.05 62.38
C CYS D 148 -0.99 6.89 61.14
N MET D 149 0.01 7.69 60.77
CA MET D 149 -0.06 8.51 59.58
C MET D 149 -0.17 7.65 58.33
N ALA D 150 0.57 6.55 58.32
CA ALA D 150 0.54 5.61 57.21
C ALA D 150 -0.82 4.95 57.07
N SER D 151 -1.48 4.71 58.20
CA SER D 151 -2.81 4.12 58.19
C SER D 151 -3.81 5.04 57.49
N ILE D 152 -3.57 6.34 57.62
CA ILE D 152 -4.41 7.36 56.99
C ILE D 152 -4.20 7.34 55.48
N ARG D 153 -2.96 7.17 55.07
CA ARG D 153 -2.59 7.23 53.64
C ARG D 153 -3.13 6.05 52.82
N ASN D 154 -3.25 4.88 53.45
CA ASN D 154 -3.77 3.71 52.74
C ASN D 154 -5.21 3.37 53.16
N ASN D 155 -5.88 4.34 53.76
CA ASN D 155 -7.30 4.22 54.12
C ASN D 155 -7.56 3.05 55.05
N THR D 156 -6.61 2.79 55.95
CA THR D 156 -6.75 1.72 56.93
C THR D 156 -6.91 2.31 58.32
N TYR D 157 -7.16 3.62 58.36
CA TYR D 157 -7.35 4.35 59.62
C TYR D 157 -8.75 4.13 60.18
N ASP D 158 -8.82 3.59 61.40
CA ASP D 158 -10.09 3.39 62.08
C ASP D 158 -10.30 4.51 63.10
N HIS D 159 -11.22 5.42 62.79
CA HIS D 159 -11.47 6.58 63.65
C HIS D 159 -11.99 6.17 65.01
N SER D 160 -12.56 4.98 65.09
CA SER D 160 -13.11 4.46 66.33
C SER D 160 -12.04 4.28 67.39
N LYS D 161 -10.81 4.09 66.93
CA LYS D 161 -9.69 3.80 67.81
C LYS D 161 -9.24 5.01 68.63
N TYR D 162 -9.33 6.19 68.04
CA TYR D 162 -8.82 7.40 68.69
C TYR D 162 -9.90 8.39 69.11
N ARG D 163 -11.17 8.01 68.93
CA ARG D 163 -12.28 8.94 69.13
C ARG D 163 -12.38 9.49 70.56
N GLU D 164 -12.30 8.61 71.55
CA GLU D 164 -12.33 9.04 72.95
C GLU D 164 -11.25 10.09 73.22
N GLU D 165 -10.01 9.69 72.97
CA GLU D 165 -8.84 10.53 73.15
C GLU D 165 -8.94 11.87 72.40
N ALA D 166 -9.48 11.82 71.18
CA ALA D 166 -9.57 13.01 70.34
C ALA D 166 -10.67 13.97 70.80
N MET D 167 -11.86 13.43 71.06
CA MET D 167 -12.99 14.25 71.49
C MET D 167 -12.69 14.96 72.82
N GLN D 168 -11.94 14.30 73.69
CA GLN D 168 -11.50 14.91 74.94
C GLN D 168 -10.64 16.12 74.67
N ASN D 169 -9.59 15.92 73.90
CA ASN D 169 -8.63 16.98 73.57
C ASN D 169 -9.29 18.14 72.83
N ARG D 170 -10.34 17.85 72.07
CA ARG D 170 -11.06 18.86 71.31
C ARG D 170 -11.95 19.72 72.20
N ILE D 171 -12.69 19.06 73.09
CA ILE D 171 -13.73 19.73 73.86
C ILE D 171 -13.13 20.58 74.98
N GLN D 172 -11.92 20.23 75.41
CA GLN D 172 -11.21 20.99 76.44
C GLN D 172 -9.78 20.47 76.63
#